data_1IVI
#
_entry.id   1IVI
#
_cell.length_a   359.300
_cell.length_b   359.300
_cell.length_c   140.500
_cell.angle_alpha   90.00
_cell.angle_beta   90.00
_cell.angle_gamma   120.00
#
_symmetry.space_group_name_H-M   'P 63 2 2'
#
_entity_poly.entity_id   1
_entity_poly.type   'polypeptide(L)'
_entity_poly.pdbx_seq_one_letter_code
;(UNK)(UNK)(UNK)(UNK)(UNK)(UNK)(UNK)(UNK)(UNK)(UNK)(UNK)(UNK)(UNK)(UNK)(UNK)(UNK)
(UNK)(UNK)(UNK)(UNK)(UNK)(UNK)(UNK)(UNK)(UNK)(UNK)(UNK)(UNK)(UNK)(UNK)(UNK)(UNK)
(UNK)(UNK)(UNK)(UNK)(UNK)(UNK)(UNK)(UNK)(UNK)(UNK)(UNK)(UNK)(UNK)(UNK)(UNK)(UNK)
(UNK)(UNK)(UNK)(UNK)(UNK)(UNK)(UNK)(UNK)(UNK)(UNK)(UNK)(UNK)(UNK)(UNK)(UNK)(UNK)
(UNK)(UNK)(UNK)(UNK)(UNK)(UNK)(UNK)(UNK)(UNK)(UNK)(UNK)(UNK)(UNK)(UNK)(UNK)(UNK)
(UNK)(UNK)(UNK)(UNK)(UNK)(UNK)(UNK)(UNK)(UNK)(UNK)(UNK)(UNK)(UNK)(UNK)(UNK)(UNK)
(UNK)(UNK)(UNK)(UNK)(UNK)(UNK)(UNK)(UNK)(UNK)(UNK)(UNK)(UNK)(UNK)(UNK)(UNK)(UNK)
(UNK)(UNK)(UNK)(UNK)(UNK)(UNK)(UNK)(UNK)(UNK)(UNK)(UNK)(UNK)(UNK)(UNK)(UNK)(UNK)
(UNK)(UNK)(UNK)(UNK)(UNK)(UNK)(UNK)(UNK)(UNK)(UNK)(UNK)(UNK)(UNK)(UNK)(UNK)(UNK)
(UNK)(UNK)(UNK)(UNK)(UNK)(UNK)(UNK)(UNK)(UNK)(UNK)(UNK)(UNK)(UNK)(UNK)(UNK)(UNK)
(UNK)(UNK)(UNK)(UNK)(UNK)(UNK)(UNK)(UNK)(UNK)(UNK)(UNK)(UNK)(UNK)(UNK)(UNK)(UNK)
(UNK)(UNK)(UNK)(UNK)(UNK)(UNK)(UNK)(UNK)(UNK)(UNK)(UNK)(UNK)(UNK)(UNK)(UNK)(UNK)
(UNK)(UNK)(UNK)(UNK)(UNK)(UNK)(UNK)(UNK)(UNK)(UNK)(UNK)(UNK)(UNK)(UNK)(UNK)(UNK)
(UNK)(UNK)(UNK)(UNK)(UNK)(UNK)(UNK)(UNK)(UNK)(UNK)(UNK)(UNK)(UNK)(UNK)(UNK)(UNK)
(UNK)(UNK)(UNK)(UNK)(UNK)(UNK)(UNK)(UNK)(UNK)(UNK)(UNK)(UNK)(UNK)(UNK)(UNK)(UNK)
(UNK)(UNK)(UNK)(UNK)(UNK)(UNK)(UNK)(UNK)(UNK)(UNK)(UNK)(UNK)(UNK)(UNK)(UNK)(UNK)
(UNK)(UNK)(UNK)(UNK)(UNK)(UNK)(UNK)(UNK)(UNK)(UNK)(UNK)(UNK)(UNK)(UNK)(UNK)(UNK)
(UNK)(UNK)(UNK)(UNK)(UNK)(UNK)(UNK)(UNK)(UNK)(UNK)(UNK)(UNK)(UNK)(UNK)(UNK)(UNK)
(UNK)(UNK)(UNK)(UNK)(UNK)(UNK)(UNK)(UNK)(UNK)(UNK)(UNK)(UNK)(UNK)(UNK)(UNK)(UNK)
(UNK)(UNK)(UNK)(UNK)(UNK)(UNK)(UNK)(UNK)(UNK)(UNK)(UNK)(UNK)(UNK)(UNK)(UNK)(UNK)
(UNK)(UNK)(UNK)(UNK)(UNK)(UNK)(UNK)(UNK)(UNK)(UNK)(UNK)(UNK)(UNK)(UNK)(UNK)(UNK)
(UNK)(UNK)(UNK)(UNK)(UNK)(UNK)(UNK)(UNK)(UNK)(UNK)(UNK)(UNK)(UNK)(UNK)(UNK)(UNK)
(UNK)(UNK)(UNK)(UNK)(UNK)(UNK)(UNK)(UNK)(UNK)(UNK)(UNK)(UNK)(UNK)(UNK)(UNK)(UNK)
(UNK)(UNK)(UNK)(UNK)(UNK)(UNK)(UNK)(UNK)(UNK)(UNK)(UNK)(UNK)(UNK)(UNK)(UNK)(UNK)
(UNK)(UNK)(UNK)(UNK)(UNK)(UNK)(UNK)(UNK)(UNK)(UNK)(UNK)(UNK)(UNK)(UNK)(UNK)(UNK)
(UNK)(UNK)(UNK)(UNK)(UNK)(UNK)(UNK)(UNK)(UNK)(UNK)(UNK)(UNK)(UNK)(UNK)(UNK)(UNK)
(UNK)(UNK)(UNK)(UNK)(UNK)(UNK)(UNK)(UNK)(UNK)(UNK)(UNK)(UNK)(UNK)(UNK)(UNK)(UNK)
(UNK)(UNK)(UNK)(UNK)(UNK)(UNK)(UNK)(UNK)(UNK)(UNK)(UNK)(UNK)(UNK)(UNK)(UNK)(UNK)
(UNK)(UNK)(UNK)(UNK)(UNK)(UNK)(UNK)(UNK)(UNK)(UNK)(UNK)(UNK)(UNK)(UNK)(UNK)(UNK)
(UNK)(UNK)(UNK)(UNK)(UNK)(UNK)(UNK)(UNK)(UNK)(UNK)(UNK)(UNK)(UNK)(UNK)
;
_entity_poly.pdbx_strand_id   A,D,B,E,C
#
# COMPACT_ATOMS: atom_id res chain seq x y z
CA UNK A 1 50.74 -45.75 27.67
CA UNK A 2 51.91 -42.32 28.84
CA UNK A 3 49.52 -39.91 30.52
CA UNK A 4 49.44 -36.10 30.20
CA UNK A 5 46.87 -33.35 30.90
CA UNK A 6 45.56 -30.34 28.94
CA UNK A 7 42.70 -27.81 29.25
CA UNK A 8 41.71 -28.48 25.67
CA UNK A 9 42.44 -31.14 23.12
CA UNK A 10 41.38 -30.57 19.57
CA UNK A 11 40.92 -33.79 17.60
CA UNK A 12 41.86 -32.76 14.08
CA UNK A 13 44.09 -30.03 12.64
CA UNK A 14 41.89 -28.65 9.82
CA UNK A 15 40.42 -25.04 9.62
CA UNK A 16 38.20 -25.79 12.63
CA UNK A 17 41.02 -27.67 14.38
CA UNK A 18 44.21 -25.59 14.08
CA UNK A 19 42.25 -22.34 14.51
CA UNK A 20 40.50 -23.60 17.68
CA UNK A 21 43.89 -24.63 19.03
CA UNK A 22 45.57 -21.26 18.34
CA UNK A 23 42.63 -19.28 19.80
CA UNK A 24 42.70 -21.44 22.94
CA UNK A 25 46.43 -20.84 23.42
CA UNK A 26 45.75 -17.11 23.05
CA UNK A 27 42.98 -17.39 25.65
CA UNK A 28 45.22 -18.72 28.46
CA UNK A 29 44.46 -22.45 27.98
CA UNK A 30 46.91 -25.30 27.73
CA UNK A 31 46.16 -26.65 24.31
CA UNK A 32 46.83 -29.78 22.35
CA UNK A 33 45.95 -30.65 18.76
CA UNK A 34 45.89 -34.27 17.65
CA UNK A 35 46.49 -34.71 13.92
CA UNK A 36 46.52 -38.03 12.16
CA UNK A 37 48.14 -37.05 8.80
CA UNK A 38 51.76 -35.84 8.60
CA UNK A 39 50.79 -32.20 7.95
CA UNK A 40 48.50 -29.59 9.44
CA UNK A 41 45.68 -27.61 7.83
CA UNK A 42 43.50 -30.68 7.22
CA UNK A 43 41.62 -31.17 3.99
CA UNK A 44 41.71 -27.45 3.06
CA UNK A 45 45.52 -27.01 3.00
CA UNK A 46 46.48 -30.44 1.60
CA UNK A 47 43.54 -31.91 -0.34
CA UNK A 48 41.28 -28.86 -0.68
CA UNK A 49 41.32 -25.07 -0.78
CA UNK A 50 45.02 -24.29 -1.30
CA UNK A 51 45.71 -27.14 -3.92
CA UNK A 52 42.67 -26.38 -6.06
CA UNK A 53 43.13 -22.59 -5.91
CA UNK A 54 46.81 -22.80 -6.85
CA UNK A 55 45.83 -24.92 -9.84
CA UNK A 56 42.97 -22.56 -10.68
CA UNK A 57 45.09 -19.40 -10.75
CA UNK A 58 47.94 -20.93 -12.77
CA UNK A 59 45.53 -22.51 -15.27
CA UNK A 60 43.98 -19.08 -15.79
CA UNK A 61 47.40 -17.56 -16.55
CA UNK A 62 47.97 -20.33 -19.17
CA UNK A 63 44.47 -19.58 -20.45
CA UNK A 64 45.06 -15.80 -20.65
CA UNK A 65 48.40 -16.31 -22.38
CA UNK A 66 46.67 -18.51 -24.96
CA UNK A 67 43.53 -16.42 -25.45
CA UNK A 68 43.86 -12.87 -24.14
CA UNK A 69 47.58 -12.06 -24.70
CA UNK A 70 47.34 -11.01 -28.38
CA UNK A 71 44.36 -8.74 -27.61
CA UNK A 72 46.18 -7.24 -24.61
CA UNK A 73 49.02 -6.21 -26.95
CA UNK A 74 51.44 -8.94 -25.95
CA UNK A 75 52.92 -11.14 -28.67
CA UNK A 76 53.97 -14.64 -27.77
CA UNK A 77 56.07 -15.72 -30.70
CA UNK A 78 55.94 -19.53 -30.60
CA UNK A 79 54.39 -22.34 -28.58
CA UNK A 80 52.91 -22.13 -25.15
CA UNK A 81 52.49 -25.46 -23.50
CA UNK A 82 52.10 -26.40 -19.86
CA UNK A 83 54.78 -28.23 -17.93
CA UNK A 84 52.57 -30.45 -15.79
CA UNK A 85 55.49 -31.23 -13.44
CA UNK A 86 56.25 -27.60 -12.53
CA UNK A 87 52.52 -26.79 -12.59
CA UNK A 88 52.25 -29.35 -9.82
CA UNK A 89 55.41 -28.08 -8.03
CA UNK A 90 54.01 -24.51 -7.84
CA UNK A 91 50.95 -25.93 -6.10
CA UNK A 92 52.95 -28.34 -3.90
CA UNK A 93 55.31 -25.64 -2.62
CA UNK A 94 52.33 -23.43 -1.70
CA UNK A 95 50.84 -26.34 0.26
CA UNK A 96 54.28 -26.99 1.77
CA UNK A 97 54.73 -23.38 2.90
CA UNK A 98 51.23 -22.96 4.36
CA UNK A 99 51.22 -26.28 6.29
CA UNK A 100 54.77 -25.57 7.49
CA UNK A 101 53.52 -22.16 8.65
CA UNK A 102 50.68 -23.65 10.75
CA UNK A 103 53.24 -25.82 12.59
CA UNK A 104 55.30 -22.66 13.22
CA UNK A 105 52.18 -20.87 14.51
CA UNK A 106 51.52 -23.75 16.90
CA UNK A 107 55.10 -23.51 18.11
CA UNK A 108 54.73 -19.78 18.82
CA UNK A 109 51.38 -20.27 20.56
CA UNK A 110 52.70 -23.33 22.49
CA UNK A 111 50.10 -25.77 21.29
CA UNK A 112 51.31 -29.37 21.64
CA UNK A 113 51.06 -31.18 18.32
CA UNK A 114 50.34 -34.87 18.79
CA UNK A 115 51.02 -36.59 15.50
CA UNK A 116 48.83 -39.64 15.78
CA UNK A 117 45.23 -40.90 15.70
CA UNK A 118 42.93 -39.35 18.28
CA UNK A 119 40.29 -41.52 19.86
CA UNK A 120 38.05 -41.57 22.93
CA UNK A 121 38.95 -43.65 25.95
CA UNK A 122 36.63 -41.94 28.43
CA UNK A 123 34.36 -38.92 28.26
CA UNK A 124 37.39 -37.16 29.69
CA UNK A 125 40.40 -39.08 28.24
CA UNK A 126 41.78 -39.24 24.70
CA UNK A 127 43.93 -42.08 23.43
CA UNK A 128 46.58 -40.75 21.03
CA UNK A 129 47.29 -43.89 19.00
CA UNK A 130 50.48 -44.02 16.79
CA UNK A 131 50.02 -43.84 13.05
CA UNK A 132 52.68 -45.04 10.55
CA UNK A 133 55.28 -42.58 9.25
CA UNK A 134 56.99 -39.53 10.76
CA UNK A 135 56.60 -38.85 14.49
CA UNK A 136 54.09 -41.49 15.69
CA UNK A 137 52.24 -40.28 18.81
CA UNK A 138 54.93 -38.39 20.84
CA UNK A 139 57.20 -41.44 21.16
CA UNK A 140 54.33 -44.05 21.48
CA UNK A 141 50.81 -44.38 22.70
CA UNK A 142 49.44 -41.49 24.72
CA UNK A 143 46.37 -41.01 26.95
CA UNK A 144 45.33 -37.44 27.75
CA UNK A 145 43.03 -36.24 30.51
CA UNK A 146 41.17 -33.12 29.51
CA UNK A 147 38.63 -30.73 30.93
CA UNK A 148 37.32 -29.72 27.51
CA UNK A 149 37.69 -31.49 24.19
CA UNK A 150 36.77 -30.18 20.76
CA UNK A 151 36.41 -32.82 18.03
CA UNK A 152 37.25 -31.13 14.80
CA UNK A 153 37.52 -34.17 12.53
CA UNK A 154 36.66 -33.37 8.93
CA UNK A 155 35.16 -34.83 5.89
CA UNK A 156 35.93 -37.43 3.27
CA UNK A 157 34.81 -37.98 -0.33
CA UNK A 158 31.38 -39.59 -0.74
CA UNK A 159 32.09 -42.68 -2.93
CA UNK A 160 29.77 -43.64 -5.74
CA UNK A 161 28.41 -47.20 -5.25
CA UNK A 162 30.05 -49.60 -7.66
CA UNK A 163 32.76 -47.16 -8.78
CA UNK A 164 36.22 -48.08 -7.56
CA UNK A 165 38.12 -44.88 -6.96
CA UNK A 166 41.66 -45.88 -7.85
CA UNK A 167 43.25 -42.43 -7.84
CA UNK A 168 45.05 -42.76 -11.09
CA UNK A 169 42.21 -43.21 -13.59
CA UNK A 170 39.06 -43.03 -11.45
CA UNK A 171 40.05 -40.18 -9.21
CA UNK A 172 38.26 -38.14 -6.59
CA UNK A 173 39.04 -34.43 -5.90
CA UNK A 174 42.38 -35.46 -4.35
CA UNK A 175 43.46 -37.61 -7.32
CA UNK A 176 42.45 -34.86 -9.77
CA UNK A 177 44.72 -32.37 -7.99
CA UNK A 178 47.77 -34.55 -8.62
CA UNK A 179 47.32 -35.78 -12.22
CA UNK A 180 50.84 -35.78 -13.71
CA UNK A 181 49.41 -36.20 -17.22
CA UNK A 182 46.52 -34.09 -18.52
CA UNK A 183 43.61 -36.24 -19.84
CA UNK A 184 42.30 -35.90 -23.39
CA UNK A 185 38.82 -36.36 -21.87
CA UNK A 186 37.95 -35.73 -18.23
CA UNK A 187 34.45 -36.75 -17.14
CA UNK A 188 33.18 -35.51 -13.79
CA UNK A 189 30.24 -36.88 -11.81
CA UNK A 190 28.93 -33.97 -9.79
CA UNK A 191 27.78 -30.49 -10.69
CA UNK A 192 28.95 -29.05 -7.36
CA UNK A 193 31.59 -26.37 -6.84
CA UNK A 194 34.42 -28.92 -6.50
CA UNK A 195 33.51 -30.57 -9.83
CA UNK A 196 33.07 -27.23 -11.61
CA UNK A 197 36.43 -25.90 -10.38
CA UNK A 198 38.21 -29.16 -11.35
CA UNK A 199 36.48 -28.97 -14.72
CA UNK A 200 37.72 -25.39 -15.19
CA UNK A 201 41.45 -26.00 -14.49
CA UNK A 202 41.65 -28.99 -16.83
CA UNK A 203 39.56 -27.60 -19.71
CA UNK A 204 41.83 -24.52 -19.71
CA UNK A 205 44.70 -26.99 -20.05
CA UNK A 206 43.25 -29.16 -22.86
CA UNK A 207 40.75 -31.74 -21.48
CA UNK A 208 37.41 -32.29 -23.16
CA UNK A 209 35.47 -32.00 -19.94
CA UNK A 210 32.01 -33.41 -19.41
CA UNK A 211 29.94 -32.91 -16.22
CA UNK A 212 27.34 -35.56 -15.47
CA UNK A 213 24.80 -34.50 -12.78
CA UNK A 214 21.45 -35.92 -11.63
CA UNK A 215 20.16 -32.44 -10.75
CA UNK A 216 18.96 -30.11 -13.58
CA UNK A 217 20.94 -27.04 -12.42
CA UNK A 218 24.56 -27.03 -11.25
CA UNK A 219 26.03 -25.28 -8.14
CA UNK A 220 23.38 -26.92 -5.89
CA UNK A 221 23.14 -24.18 -3.20
CA UNK A 222 23.39 -21.45 -5.84
CA UNK A 223 20.76 -18.86 -6.74
CA UNK A 224 18.64 -20.05 -9.71
CA UNK A 225 19.50 -17.09 -11.93
CA UNK A 226 23.22 -17.28 -11.02
CA UNK A 227 23.44 -21.07 -11.50
CA UNK A 228 21.84 -21.01 -14.97
CA UNK A 229 24.29 -18.26 -15.93
CA UNK A 230 27.14 -20.32 -14.46
CA UNK A 231 26.29 -23.15 -16.87
CA UNK A 232 26.42 -20.68 -19.75
CA UNK A 233 29.87 -19.13 -19.13
CA UNK A 234 31.44 -22.54 -18.47
CA UNK A 235 29.84 -23.97 -21.63
CA UNK A 236 31.49 -21.09 -23.48
CA UNK A 237 34.76 -22.09 -21.75
CA UNK A 238 34.43 -25.63 -23.14
CA UNK A 239 32.62 -27.63 -20.45
CA UNK A 240 29.92 -30.01 -21.57
CA UNK A 241 26.99 -30.63 -19.27
CA UNK A 242 24.95 -33.78 -19.16
CA UNK A 243 22.23 -32.81 -16.70
CA UNK A 244 19.35 -34.81 -15.17
CA UNK A 245 21.58 -37.79 -15.74
CA UNK A 246 22.36 -40.57 -13.32
CA UNK A 247 25.54 -42.64 -13.75
CA UNK A 248 25.14 -46.40 -13.75
CA UNK A 249 28.56 -47.95 -14.45
CA UNK A 250 32.18 -46.91 -14.59
CA UNK A 251 34.96 -49.34 -15.20
CA UNK A 252 38.61 -49.00 -16.23
CA UNK A 253 38.99 -50.65 -19.60
CA UNK A 254 42.74 -51.05 -19.21
CA UNK A 255 43.02 -52.65 -22.67
CA UNK A 256 42.06 -49.30 -24.20
CA UNK A 257 43.19 -47.19 -21.14
CA UNK A 258 39.70 -45.67 -21.20
CA UNK A 259 37.34 -45.50 -18.20
CA UNK A 260 34.21 -46.88 -19.80
CA UNK A 261 31.29 -45.01 -18.28
CA UNK A 262 27.55 -45.75 -18.75
CA UNK A 263 24.92 -43.13 -17.82
CA UNK A 264 21.12 -42.74 -18.15
CA UNK A 265 18.97 -39.68 -18.81
CA UNK A 266 16.14 -39.19 -16.29
CA UNK A 267 13.66 -37.73 -18.78
CA UNK A 268 14.21 -40.36 -21.47
CA UNK A 269 15.26 -43.65 -19.77
CA UNK A 270 17.79 -44.60 -22.45
CA UNK A 271 21.46 -45.22 -21.74
CA UNK A 272 24.68 -44.02 -23.38
CA UNK A 273 28.16 -45.45 -23.01
CA UNK A 274 30.77 -42.76 -22.50
CA UNK A 275 34.54 -42.93 -22.75
CA UNK A 276 36.96 -40.84 -20.71
CA UNK A 277 40.68 -41.16 -19.90
CA UNK A 278 40.14 -40.01 -16.33
CA UNK A 279 36.86 -40.00 -14.39
CA UNK A 280 36.30 -37.84 -11.29
CA UNK A 281 33.71 -38.67 -8.65
CA UNK A 282 32.75 -35.39 -7.12
CA UNK A 283 29.25 -36.41 -6.00
CA UNK A 284 29.84 -34.91 -2.58
CA UNK A 285 31.62 -35.12 0.72
CA UNK A 286 30.49 -36.77 3.93
CA UNK A 287 31.65 -36.57 7.63
CA UNK A 288 34.47 -38.49 9.14
CA UNK A 289 33.89 -39.98 12.57
CA UNK A 290 35.97 -43.15 12.04
CA UNK A 291 38.92 -43.75 14.32
CA UNK A 292 37.55 -41.19 16.81
CA UNK A 293 35.35 -43.65 18.70
CA UNK A 294 31.99 -41.89 18.88
CA UNK A 295 30.50 -45.34 19.62
CA UNK A 296 32.43 -45.82 22.91
CA UNK A 297 31.05 -42.76 24.71
CA UNK A 298 27.80 -42.70 22.70
CA UNK A 299 28.35 -39.40 20.87
CA UNK A 300 25.32 -39.04 18.57
CA UNK A 301 25.83 -39.38 14.83
CA UNK A 302 22.82 -38.86 12.48
CA UNK A 303 21.41 -40.46 9.28
CA UNK A 304 23.88 -38.40 7.25
CA UNK A 305 26.98 -39.35 9.37
CA UNK A 306 27.36 -36.07 11.24
CA UNK A 307 27.94 -35.64 14.94
CA UNK A 308 24.96 -33.67 16.25
CA UNK A 309 25.22 -30.56 18.42
CA UNK A 310 23.24 -27.71 19.97
CA UNK A 311 23.76 -23.95 19.25
CA UNK A 312 26.45 -23.94 21.95
CA UNK A 313 28.48 -26.39 19.76
CA UNK A 314 28.46 -29.30 22.25
CA UNK A 315 27.06 -32.81 21.98
CA UNK A 316 25.39 -34.67 24.92
CA UNK A 317 28.47 -33.93 27.01
CA UNK A 318 28.83 -30.16 27.85
CA UNK A 319 32.62 -30.34 27.50
CA UNK A 320 32.76 -32.25 24.19
CA UNK A 321 32.20 -29.73 21.43
CA UNK A 322 31.87 -30.74 17.79
CA UNK A 323 32.95 -28.31 15.07
CA UNK A 324 33.84 -28.34 11.37
CA UNK A 325 32.84 -30.55 8.49
CA UNK A 326 31.83 -33.46 10.70
CA UNK A 327 29.05 -31.32 12.25
CA UNK A 328 26.18 -29.15 10.91
CA UNK A 329 26.52 -26.32 8.43
CA UNK A 330 27.94 -25.71 4.91
CA UNK A 331 31.18 -27.64 4.42
CA UNK A 332 33.40 -24.61 4.09
CA UNK A 333 36.80 -23.87 5.59
CA UNK A 334 35.94 -20.38 6.86
CA UNK A 335 32.65 -21.65 8.40
CA UNK A 336 34.83 -24.16 10.23
CA UNK A 337 37.32 -21.41 11.25
CA UNK A 338 34.49 -19.34 12.72
CA UNK A 339 33.27 -22.38 14.68
CA UNK A 340 36.78 -23.17 16.02
CA UNK A 341 37.00 -19.63 17.41
CA UNK A 342 33.39 -19.48 18.75
CA UNK A 343 33.68 -22.85 20.51
CA UNK A 344 36.89 -21.74 22.26
CA UNK A 345 35.39 -18.33 23.17
CA UNK A 346 32.56 -20.30 24.82
CA UNK A 347 35.03 -22.07 27.10
CA UNK A 348 36.62 -18.84 28.35
CA UNK A 349 33.68 -16.43 28.24
CA UNK A 350 30.52 -18.51 27.71
CA UNK A 351 29.87 -16.52 24.52
CA UNK A 352 30.45 -16.95 20.80
CA UNK A 353 28.44 -16.69 17.58
CA UNK A 354 28.81 -17.96 14.06
CA UNK A 355 26.30 -16.13 11.89
CA UNK A 356 25.21 -19.02 9.70
CA UNK A 357 23.10 -16.57 7.66
CA UNK A 358 26.28 -14.68 6.67
CA UNK A 359 28.45 -17.53 5.42
CA UNK A 360 29.89 -16.91 1.92
CA UNK A 361 30.01 -19.68 -0.65
CA UNK A 362 32.59 -19.02 -3.36
CA UNK A 363 33.47 -20.94 -6.48
CA UNK A 364 36.85 -19.78 -7.73
CA UNK A 365 36.28 -20.32 -11.43
CA UNK A 366 36.80 -17.42 -13.84
CA UNK A 367 34.51 -15.51 -13.56
CA UNK A 368 34.34 -16.27 -9.85
CA UNK A 369 30.88 -17.00 -8.44
CA UNK A 370 30.15 -15.88 -4.87
CA UNK A 371 27.14 -15.42 -2.60
CA UNK A 372 25.93 -14.35 0.82
CA UNK A 373 22.39 -14.23 2.20
CA UNK A 374 19.17 -15.56 0.73
CA UNK A 375 18.59 -16.48 -2.87
CA UNK A 376 15.47 -15.57 -4.87
CA UNK A 377 14.03 -19.04 -4.43
CA UNK A 378 14.45 -18.77 -0.65
CA UNK A 379 12.71 -15.36 -0.44
CA UNK A 380 9.78 -16.59 -2.56
CA UNK A 381 9.76 -19.76 -0.44
CA UNK A 382 9.54 -17.62 2.70
CA UNK A 383 7.04 -15.20 1.12
CA UNK A 384 9.39 -12.21 1.49
CA UNK A 385 8.63 -9.34 -0.87
CA UNK A 386 11.91 -8.25 -2.41
CA UNK A 387 13.46 -5.86 -4.92
CA UNK A 388 16.20 -7.06 -7.29
CA UNK A 389 18.97 -4.71 -8.36
CA UNK A 390 21.64 -6.16 -10.60
CA UNK A 391 24.44 -4.40 -12.43
CA UNK A 392 26.43 -6.00 -15.32
CA UNK A 393 30.22 -5.90 -15.30
CA UNK A 394 29.98 -4.82 -18.96
CA UNK A 395 28.86 -1.47 -17.52
CA UNK A 396 31.66 -1.35 -14.91
CA UNK A 397 34.59 0.91 -15.71
CA UNK A 398 37.46 -1.27 -14.47
CA UNK A 399 35.93 -4.46 -15.91
CA UNK A 400 35.95 -2.98 -19.43
CA UNK A 401 39.35 -1.36 -18.95
CA UNK A 402 40.65 -4.76 -17.85
CA UNK A 403 38.77 -6.62 -20.66
CA UNK A 404 37.16 -8.92 -18.15
CA UNK A 405 33.46 -8.16 -18.28
CA UNK A 406 31.69 -11.46 -17.63
CA UNK A 407 29.11 -11.39 -14.89
CA UNK A 408 26.81 -9.22 -12.82
CA UNK A 409 26.33 -8.11 -9.20
CA UNK A 410 22.82 -8.91 -7.93
CA UNK A 411 21.36 -7.28 -4.82
CA UNK A 412 18.20 -8.69 -3.32
CA UNK A 413 16.71 -6.29 -0.76
CA UNK A 414 13.54 -6.22 1.35
CA UNK A 415 10.94 -3.99 -0.34
CA UNK A 416 9.84 -2.24 2.87
CA UNK A 417 12.98 -1.99 5.02
CA UNK A 418 15.28 -1.76 1.93
CA UNK A 419 17.93 -3.79 3.72
CA UNK A 420 20.25 -6.18 1.90
CA UNK A 421 18.98 -9.77 2.18
CA UNK A 422 21.26 -11.39 -0.41
CA UNK A 423 24.17 -10.63 -2.76
CA UNK A 424 24.97 -12.88 -5.72
CA UNK A 425 27.98 -11.95 -7.77
CA UNK A 426 29.25 -13.67 -10.89
CA UNK A 427 32.41 -11.73 -11.83
CA UNK A 428 36.21 -11.32 -11.44
CA UNK A 429 37.18 -10.74 -7.77
CA UNK A 430 33.70 -11.98 -6.70
CA UNK A 431 35.17 -13.89 -3.72
CA UNK A 432 36.79 -10.62 -2.65
CA UNK A 433 33.70 -8.51 -3.37
CA UNK A 434 31.34 -10.70 -1.36
CA UNK A 435 33.37 -9.63 1.70
CA UNK A 436 31.93 -6.15 1.23
CA UNK A 437 28.48 -7.73 0.92
CA UNK A 438 29.18 -9.67 4.11
CA UNK A 439 30.13 -6.64 6.21
CA UNK A 440 27.03 -4.81 4.95
CA UNK A 441 24.78 -7.74 5.96
CA UNK A 442 26.35 -7.91 9.43
CA UNK A 443 25.42 -4.28 10.05
CA UNK A 444 21.92 -4.81 8.57
CA UNK A 445 22.63 -2.11 6.03
CA UNK A 446 20.31 -0.95 3.30
CA UNK A 447 21.05 -0.78 -0.41
CA UNK A 448 21.12 2.97 0.15
CA UNK A 449 23.86 2.89 2.84
CA UNK A 450 26.47 1.17 0.70
CA UNK A 451 25.30 3.29 -2.25
CA UNK A 452 26.28 6.30 -0.13
CA UNK A 453 29.74 4.80 0.51
CA UNK A 454 32.31 6.46 -1.71
CA UNK A 455 33.80 3.69 -3.83
CA UNK A 456 37.04 4.42 -5.69
CA UNK A 457 37.29 4.82 -9.48
CA UNK A 458 38.08 2.76 -11.45
CA UNK A 459 37.32 -0.34 -9.40
CA UNK A 460 35.08 -3.40 -9.67
CA UNK A 461 33.55 -2.43 -6.29
CA UNK A 462 31.60 0.31 -8.11
CA UNK A 463 29.51 -2.49 -9.63
CA UNK A 464 28.48 -3.37 -6.09
CA UNK A 465 27.71 0.28 -5.20
CA UNK A 466 25.57 0.67 -8.29
CA UNK A 467 23.87 -2.74 -8.10
CA UNK A 468 22.68 -1.45 -4.73
CA UNK A 469 21.75 1.89 -6.33
CA UNK A 470 19.66 -0.02 -8.87
CA UNK A 471 17.93 -1.99 -6.09
CA UNK A 472 16.29 0.90 -4.20
CA UNK A 473 16.47 3.70 -6.81
CA UNK A 474 18.54 3.95 -10.07
CA UNK A 475 22.17 3.32 -10.95
CA UNK A 476 24.27 5.90 -12.79
CA UNK A 477 25.95 3.71 -15.42
CA UNK A 478 22.90 1.47 -15.85
CA UNK B 1 22.84 32.77 -31.86
CA UNK B 2 19.91 30.65 -30.59
CA UNK B 3 18.57 30.90 -27.01
CA UNK B 4 17.15 27.76 -25.42
CA UNK B 5 16.08 27.22 -21.79
CA UNK B 6 17.04 24.36 -19.49
CA UNK B 7 16.67 23.76 -15.72
CA UNK B 8 20.27 22.70 -15.02
CA UNK B 9 23.40 23.10 -17.17
CA UNK B 10 26.76 21.42 -16.49
CA UNK B 11 29.86 23.12 -17.92
CA UNK B 12 31.99 20.04 -18.25
CA UNK B 13 31.59 16.38 -19.13
CA UNK B 14 34.11 14.82 -16.70
CA UNK B 15 33.23 12.52 -13.69
CA UNK B 16 31.50 15.34 -11.81
CA UNK B 17 29.87 16.57 -15.01
CA UNK B 18 28.26 13.56 -16.69
CA UNK B 19 26.91 11.81 -13.54
CA UNK B 20 25.51 15.18 -12.40
CA UNK B 21 23.81 15.32 -15.80
CA UNK B 22 22.49 11.76 -15.57
CA UNK B 23 21.33 12.29 -11.97
CA UNK B 24 19.59 15.63 -12.69
CA UNK B 25 17.82 14.06 -15.66
CA UNK B 26 16.81 11.12 -13.45
CA UNK B 27 15.53 13.68 -10.92
CA UNK B 28 13.22 15.09 -13.61
CA UNK B 29 15.28 18.24 -14.46
CA UNK B 30 15.70 19.46 -18.03
CA UNK B 31 19.40 18.81 -18.14
CA UNK B 32 22.05 20.06 -20.48
CA UNK B 33 25.75 19.20 -20.46
CA UNK B 34 28.27 21.31 -22.33
CA UNK B 35 31.49 19.58 -23.35
CA UNK B 36 34.23 21.28 -25.28
CA UNK B 37 36.02 18.10 -26.44
CA UNK B 38 34.49 15.46 -28.75
CA UNK B 39 33.77 13.01 -25.91
CA UNK B 40 32.25 12.71 -22.46
CA UNK B 41 34.23 11.38 -19.52
CA UNK B 42 36.59 14.34 -19.12
CA UNK B 43 40.19 13.81 -18.05
CA UNK B 44 39.33 10.46 -16.42
CA UNK B 45 37.97 8.42 -19.34
CA UNK B 46 39.88 10.11 -22.11
CA UNK B 47 43.37 10.99 -20.80
CA UNK B 48 43.29 9.84 -17.16
CA UNK B 49 41.79 6.91 -15.23
CA UNK B 50 40.72 4.52 -18.01
CA UNK B 51 43.86 4.81 -20.31
CA UNK B 52 46.51 4.56 -17.55
CA UNK B 53 44.75 1.59 -15.88
CA UNK B 54 44.49 -0.12 -19.27
CA UNK B 55 48.25 0.31 -19.77
CA UNK B 56 48.79 -0.78 -16.15
CA UNK B 57 46.89 -4.07 -16.46
CA UNK B 58 48.23 -5.15 -19.86
CA UNK B 59 51.84 -4.31 -18.90
CA UNK B 60 51.37 -6.27 -15.69
CA UNK B 61 50.23 -9.31 -17.69
CA UNK B 62 53.28 -8.91 -19.95
CA UNK B 63 55.28 -8.76 -16.71
CA UNK B 64 53.67 -11.98 -15.43
CA UNK B 65 54.29 -13.75 -18.75
CA UNK B 66 57.90 -12.66 -18.85
CA UNK B 67 58.97 -13.41 -15.24
CA UNK B 68 56.34 -15.54 -13.42
CA UNK B 69 55.08 -17.87 -16.22
CA UNK B 70 57.70 -20.69 -16.05
CA UNK B 71 57.43 -20.75 -12.24
CA UNK B 72 53.64 -21.15 -12.59
CA UNK B 73 54.34 -24.18 -14.81
CA UNK B 74 53.89 -22.53 -18.22
CA UNK B 75 56.74 -23.08 -20.64
CA UNK B 76 56.81 -20.82 -23.63
CA UNK B 77 58.73 -22.26 -26.53
CA UNK B 78 59.37 -18.87 -28.10
CA UNK B 79 59.71 -15.15 -27.56
CA UNK B 80 57.55 -12.85 -25.39
CA UNK B 81 57.61 -9.32 -26.72
CA UNK B 82 55.33 -6.36 -26.19
CA UNK B 83 53.68 -5.03 -29.32
CA UNK B 84 53.30 -1.33 -28.48
CA UNK B 85 50.77 -0.75 -31.31
CA UNK B 86 48.37 -3.51 -30.21
CA UNK B 87 48.98 -2.45 -26.59
CA UNK B 88 48.03 1.12 -27.44
CA UNK B 89 45.03 -0.11 -29.43
CA UNK B 90 43.78 -2.10 -26.40
CA UNK B 91 43.94 1.12 -24.41
CA UNK B 92 42.22 3.11 -27.17
CA UNK B 93 39.36 0.61 -27.50
CA UNK B 94 38.72 0.79 -23.75
CA UNK B 95 38.61 4.59 -23.86
CA UNK B 96 36.43 4.46 -27.02
CA UNK B 97 33.90 2.04 -25.53
CA UNK B 98 33.51 3.86 -22.20
CA UNK B 99 33.08 7.30 -23.77
CA UNK B 100 30.49 5.95 -26.22
CA UNK B 101 28.74 4.34 -23.25
CA UNK B 102 28.11 7.76 -21.70
CA UNK B 103 26.61 9.01 -24.98
CA UNK B 104 24.31 5.96 -24.89
CA UNK B 105 23.44 6.87 -21.27
CA UNK B 106 22.84 10.53 -22.21
CA UNK B 107 20.32 9.45 -24.84
CA UNK B 108 18.70 7.03 -22.41
CA UNK B 109 18.38 9.65 -19.64
CA UNK B 110 17.45 12.46 -22.13
CA UNK B 111 20.40 14.76 -21.40
CA UNK B 112 21.05 17.47 -23.99
CA UNK B 113 24.70 17.22 -25.03
CA UNK B 114 26.21 20.41 -26.41
CA UNK B 115 29.53 19.89 -28.15
CA UNK B 116 31.20 23.27 -27.67
CA UNK B 117 32.65 25.63 -25.05
CA UNK B 118 30.46 26.94 -22.25
CA UNK B 119 30.78 30.41 -20.78
CA UNK B 120 28.95 32.91 -18.60
CA UNK B 121 26.94 35.60 -20.39
CA UNK B 122 25.88 36.76 -16.99
CA UNK B 123 25.01 34.79 -13.82
CA UNK B 124 21.55 33.79 -15.14
CA UNK B 125 22.75 32.36 -18.51
CA UNK B 126 25.37 30.38 -20.43
CA UNK B 127 26.75 30.65 -24.00
CA UNK B 128 27.86 27.60 -26.01
CA UNK B 129 30.29 28.78 -28.68
CA UNK B 130 31.20 26.44 -31.62
CA UNK B 131 34.71 24.98 -31.32
CA UNK B 132 36.91 23.97 -34.34
CA UNK B 133 37.37 20.36 -35.65
CA UNK B 134 34.61 19.14 -33.35
CA UNK B 135 32.17 16.82 -35.13
CA UNK B 136 28.95 18.37 -33.90
CA UNK B 137 30.19 21.81 -32.74
CA UNK B 138 26.78 23.40 -32.25
CA UNK B 139 26.11 25.23 -35.53
CA UNK B 140 26.30 28.77 -34.15
CA UNK B 141 26.12 30.14 -30.56
CA UNK B 142 23.56 29.02 -28.00
CA UNK B 143 22.45 31.14 -25.06
CA UNK B 144 20.89 28.92 -22.45
CA UNK B 145 18.55 30.48 -19.95
CA UNK B 146 19.32 28.32 -16.96
CA UNK B 147 17.94 28.17 -13.45
CA UNK B 148 20.93 26.31 -12.02
CA UNK B 149 24.51 26.15 -13.20
CA UNK B 150 26.96 23.44 -12.12
CA UNK B 151 30.58 24.08 -13.01
CA UNK B 152 32.54 20.91 -13.57
CA UNK B 153 35.39 22.35 -15.68
CA UNK B 154 37.91 20.18 -13.85
CA UNK B 155 41.62 20.49 -14.36
CA UNK B 156 44.77 20.55 -16.47
CA UNK B 157 48.44 19.55 -16.05
CA UNK B 158 50.52 21.99 -13.99
CA UNK B 159 53.47 22.92 -16.29
CA UNK B 160 56.93 22.99 -14.73
CA UNK B 161 58.25 26.53 -15.46
CA UNK B 162 61.13 26.40 -17.90
CA UNK B 163 60.18 23.05 -19.45
CA UNK B 164 58.63 22.99 -22.89
CA UNK B 165 55.95 20.29 -22.83
CA UNK B 166 55.92 18.93 -26.32
CA UNK B 167 54.02 15.61 -26.47
CA UNK B 168 57.00 13.73 -27.93
CA UNK B 169 60.17 14.05 -25.80
CA UNK B 170 59.05 16.19 -22.85
CA UNK B 171 55.67 14.59 -22.17
CA UNK B 172 52.93 15.14 -19.59
CA UNK B 173 50.55 12.36 -18.36
CA UNK B 174 48.62 12.44 -21.65
CA UNK B 175 51.84 12.19 -23.67
CA UNK B 176 53.14 9.20 -21.74
CA UNK B 177 49.72 7.62 -22.22
CA UNK B 178 50.05 7.53 -26.02
CA UNK B 179 53.80 6.84 -26.34
CA UNK B 180 54.29 4.82 -29.51
CA UNK B 181 57.64 3.28 -28.53
CA UNK B 182 59.02 2.25 -25.16
CA UNK B 183 61.84 4.71 -24.19
CA UNK B 184 65.28 3.39 -23.14
CA UNK B 185 65.13 5.73 -20.18
CA UNK B 186 62.18 7.55 -18.61
CA UNK B 187 62.84 10.37 -16.16
CA UNK B 188 59.70 11.42 -14.32
CA UNK B 189 59.32 14.67 -12.39
CA UNK B 190 56.66 14.03 -9.88
CA UNK B 191 56.63 11.29 -7.25
CA UNK B 192 52.80 11.41 -6.92
CA UNK B 193 50.24 8.75 -7.85
CA UNK B 194 50.11 9.64 -11.57
CA UNK B 195 53.91 9.68 -12.07
CA UNK B 196 54.39 6.47 -10.09
CA UNK B 197 51.74 4.52 -12.06
CA UNK B 198 53.35 5.72 -15.31
CA UNK B 199 56.73 4.68 -13.92
CA UNK B 200 55.33 1.22 -13.23
CA UNK B 201 53.92 0.84 -16.78
CA UNK B 202 57.19 1.58 -18.55
CA UNK B 203 59.58 -0.08 -16.06
CA UNK B 204 57.50 -3.21 -16.74
CA UNK B 205 57.86 -2.71 -20.50
CA UNK B 206 61.59 -2.00 -20.89
CA UNK B 207 62.33 1.55 -19.66
CA UNK B 208 64.83 2.42 -16.97
CA UNK B 209 62.69 4.68 -14.89
CA UNK B 210 64.07 7.40 -12.65
CA UNK B 211 61.54 9.36 -10.55
CA UNK B 212 62.49 12.85 -9.30
CA UNK B 213 60.60 14.40 -6.39
CA UNK B 214 61.25 17.66 -4.54
CA UNK B 215 60.05 16.47 -1.13
CA UNK B 216 61.74 13.64 0.93
CA UNK B 217 58.79 11.24 0.49
CA UNK B 218 56.91 9.75 -2.45
CA UNK B 219 53.12 9.42 -2.72
CA UNK B 220 52.61 12.75 -0.86
CA UNK B 221 49.16 12.10 0.70
CA UNK B 222 50.28 8.66 1.93
CA UNK B 223 50.90 7.37 5.42
CA UNK B 224 54.55 7.40 6.56
CA UNK B 225 54.86 3.61 6.69
CA UNK B 226 52.92 3.16 3.42
CA UNK B 227 55.18 5.69 1.68
CA UNK B 228 58.44 4.10 2.88
CA UNK B 229 57.16 0.70 1.81
CA UNK B 230 55.77 1.88 -1.56
CA UNK B 231 59.19 3.30 -2.36
CA UNK B 232 60.80 -0.03 -1.40
CA UNK B 233 58.65 -2.27 -3.66
CA UNK B 234 58.90 0.16 -6.59
CA UNK B 235 62.70 0.30 -6.17
CA UNK B 236 62.53 -3.49 -6.07
CA UNK B 237 60.64 -3.37 -9.41
CA UNK B 238 63.41 -1.27 -11.04
CA UNK B 239 62.51 2.40 -10.40
CA UNK B 240 65.25 4.74 -9.20
CA UNK B 241 64.43 7.55 -6.76
CA UNK B 242 65.76 11.08 -6.68
CA UNK B 243 64.12 12.24 -3.47
CA UNK B 244 64.73 15.71 -2.08
CA UNK B 245 65.74 16.68 -5.61
CA UNK B 246 64.46 19.50 -7.79
CA UNK B 247 64.81 19.99 -11.54
CA UNK B 248 66.80 23.05 -12.44
CA UNK B 249 66.77 22.67 -16.23
CA UNK B 250 65.47 20.32 -18.90
CA UNK B 251 66.07 20.87 -22.56
CA UNK B 252 65.30 18.62 -25.50
CA UNK B 253 68.21 17.77 -27.73
CA UNK B 254 67.80 16.35 -31.22
CA UNK B 255 71.52 16.15 -31.97
CA UNK B 256 71.20 12.87 -30.06
CA UNK B 257 67.53 12.55 -29.02
CA UNK B 258 67.86 13.10 -25.28
CA UNK B 259 66.19 15.38 -22.77
CA UNK B 260 69.13 16.64 -20.76
CA UNK B 261 67.76 17.08 -17.29
CA UNK B 262 69.82 18.97 -14.70
CA UNK B 263 68.81 18.25 -11.13
CA UNK B 264 69.88 19.48 -7.68
CA UNK B 265 69.71 17.76 -4.30
CA UNK B 266 67.89 20.20 -1.93
CA UNK B 267 70.14 19.29 1.06
CA UNK B 268 73.89 19.72 0.17
CA UNK B 269 73.09 21.31 -3.13
CA UNK B 270 75.11 19.91 -6.02
CA UNK B 271 74.14 19.81 -9.62
CA UNK B 272 73.92 16.61 -11.59
CA UNK B 273 73.48 16.19 -15.35
CA UNK B 274 70.80 13.57 -16.02
CA UNK B 275 69.73 12.17 -19.37
CA UNK B 276 66.56 10.51 -20.67
CA UNK B 277 64.69 9.67 -23.87
CA UNK B 278 61.37 11.05 -22.66
CA UNK B 279 60.67 13.24 -19.65
CA UNK B 280 57.39 12.93 -17.84
CA UNK B 281 56.32 16.20 -16.26
CA UNK B 282 53.73 15.16 -13.75
CA UNK B 283 54.30 17.76 -11.05
CA UNK B 284 50.55 18.10 -10.55
CA UNK B 285 47.18 19.16 -11.83
CA UNK B 286 45.72 22.62 -11.28
CA UNK B 287 42.11 23.91 -11.86
CA UNK B 288 40.94 24.95 -15.31
CA UNK B 289 38.79 28.09 -15.40
CA UNK B 290 39.96 29.11 -18.90
CA UNK B 291 37.27 30.03 -21.39
CA UNK B 292 34.59 29.78 -18.67
CA UNK B 293 34.02 33.52 -18.12
CA UNK B 294 34.10 33.17 -14.31
CA UNK B 295 35.92 36.47 -13.94
CA UNK B 296 33.16 38.21 -15.97
CA UNK B 297 30.57 37.68 -13.20
CA UNK B 298 33.23 37.90 -10.48
CA UNK B 299 33.27 34.24 -9.36
CA UNK B 300 35.69 33.93 -6.44
CA UNK B 301 38.92 32.19 -7.22
CA UNK B 302 41.50 31.75 -4.44
CA UNK B 303 45.30 32.06 -4.57
CA UNK B 304 45.69 28.39 -5.54
CA UNK B 305 43.43 28.89 -8.60
CA UNK B 306 40.46 26.99 -7.20
CA UNK B 307 36.94 28.18 -7.73
CA UNK B 308 35.80 28.89 -4.18
CA UNK B 309 32.53 27.50 -2.86
CA UNK B 310 30.72 26.94 0.44
CA UNK B 311 29.70 23.72 2.28
CA UNK B 312 26.68 23.34 0.00
CA UNK B 313 28.80 23.76 -3.22
CA UNK B 314 27.35 27.20 -4.21
CA UNK B 315 29.71 30.01 -5.34
CA UNK B 316 28.91 33.64 -4.32
CA UNK B 317 25.86 33.24 -6.57
CA UNK B 318 23.54 30.73 -4.81
CA UNK B 319 22.49 28.87 -7.98
CA UNK B 320 25.97 28.37 -9.41
CA UNK B 321 27.41 25.16 -7.99
CA UNK B 322 31.06 24.30 -8.59
CA UNK B 323 32.09 20.65 -8.26
CA UNK B 324 34.99 18.39 -9.35
CA UNK B 325 38.70 19.16 -9.69
CA UNK B 326 38.18 22.89 -10.27
CA UNK B 327 36.99 23.41 -6.66
CA UNK B 328 38.24 22.25 -3.18
CA UNK B 329 39.05 18.67 -2.23
CA UNK B 330 41.31 15.83 -3.57
CA UNK B 331 41.58 15.46 -7.35
CA UNK B 332 39.86 12.14 -7.67
CA UNK B 333 37.16 10.93 -10.05
CA UNK B 334 35.03 9.32 -7.34
CA UNK B 335 35.31 12.46 -5.18
CA UNK B 336 34.17 14.41 -8.23
CA UNK B 337 31.28 12.00 -8.91
CA UNK B 338 30.10 12.24 -5.30
CA UNK B 339 30.17 16.02 -5.54
CA UNK B 340 28.28 15.69 -8.84
CA UNK B 341 25.45 13.63 -7.31
CA UNK B 342 25.37 15.78 -4.15
CA UNK B 343 25.12 19.17 -5.90
CA UNK B 344 22.26 17.74 -7.97
CA UNK B 345 20.33 16.13 -5.11
CA UNK B 346 20.67 19.41 -3.16
CA UNK B 347 18.48 21.02 -5.83
CA UNK B 348 15.82 18.45 -4.95
CA UNK B 349 16.10 18.20 -1.15
CA UNK B 350 17.88 21.35 0.02
CA UNK B 351 20.61 19.29 1.71
CA UNK B 352 23.54 17.12 0.83
CA UNK B 353 26.92 16.21 2.25
CA UNK B 354 29.96 14.34 1.02
CA UNK B 355 32.03 12.57 3.70
CA UNK B 356 35.48 13.87 2.87
CA UNK B 357 36.92 11.67 5.63
CA UNK B 358 35.81 8.58 3.69
CA UNK B 359 37.40 9.08 0.28
CA UNK B 360 39.91 6.41 -0.82
CA UNK B 361 43.06 7.06 -2.81
CA UNK B 362 44.25 4.18 -4.97
CA UNK B 363 47.57 3.74 -6.72
CA UNK B 364 46.96 1.03 -9.29
CA UNK B 365 50.53 -0.31 -9.35
CA UNK B 366 51.32 -3.93 -8.45
CA UNK B 367 51.03 -4.29 -5.55
CA UNK B 368 48.16 -1.79 -5.41
CA UNK B 369 48.27 0.88 -2.71
CA UNK B 370 44.97 2.20 -1.21
CA UNK B 371 44.05 4.29 1.82
CA UNK B 372 40.96 5.82 3.42
CA UNK B 373 40.66 7.98 6.53
CA UNK B 374 43.36 9.26 8.87
CA UNK B 375 47.07 8.58 8.52
CA UNK B 376 49.34 7.82 11.55
CA UNK B 377 50.84 11.32 11.27
CA UNK B 378 47.34 12.86 11.11
CA UNK B 379 46.51 11.13 14.38
CA UNK B 380 49.69 12.17 16.19
CA UNK B 381 49.02 15.81 15.24
CA UNK B 382 45.35 15.65 16.27
CA UNK B 383 46.40 14.32 19.70
CA UNK B 384 44.54 11.04 19.18
CA UNK B 385 45.77 7.96 20.96
CA UNK B 386 45.54 5.07 18.53
CA UNK B 387 46.28 1.36 18.31
CA UNK B 388 47.86 -0.24 15.25
CA UNK B 389 46.84 -3.51 13.62
CA UNK B 390 48.98 -4.98 10.88
CA UNK B 391 48.78 -8.17 8.87
CA UNK B 392 51.11 -9.03 5.95
CA UNK B 393 49.98 -10.61 2.70
CA UNK B 394 52.83 -13.12 3.18
CA UNK B 395 50.71 -14.69 5.92
CA UNK B 396 47.52 -14.54 3.81
CA UNK B 397 46.26 -17.77 2.32
CA UNK B 398 45.20 -16.73 -1.24
CA UNK B 399 48.17 -14.35 -1.62
CA UNK B 400 50.70 -17.11 -0.82
CA UNK B 401 48.73 -19.52 -3.03
CA UNK B 402 48.94 -17.04 -5.92
CA UNK B 403 52.68 -16.27 -5.26
CA UNK B 404 51.78 -12.62 -4.78
CA UNK B 405 52.64 -11.91 -1.18
CA UNK B 406 53.79 -8.28 -1.34
CA UNK B 407 52.31 -5.84 1.15
CA UNK B 408 50.30 -5.52 4.33
CA UNK B 409 46.97 -4.24 5.71
CA UNK B 410 47.10 -1.56 8.42
CA UNK B 411 44.08 -0.60 10.44
CA UNK B 412 44.41 2.42 12.65
CA UNK B 413 41.84 2.43 15.45
CA UNK B 414 41.26 4.75 18.41
CA UNK B 415 42.59 3.40 21.70
CA UNK B 416 39.53 4.62 23.61
CA UNK B 417 36.63 3.78 21.23
CA UNK B 418 38.40 1.15 19.05
CA UNK B 419 36.64 2.48 15.92
CA UNK B 420 38.53 2.54 12.61
CA UNK B 421 40.18 5.91 12.21
CA UNK B 422 42.03 4.89 9.05
CA UNK B 423 42.99 1.92 6.89
CA UNK B 424 46.10 1.61 4.75
CA UNK B 425 46.49 -1.30 2.36
CA UNK B 426 49.52 -2.19 0.24
CA UNK B 427 48.88 -5.45 -1.64
CA UNK B 428 47.19 -7.26 -4.56
CA UNK B 429 43.60 -5.98 -5.00
CA UNK B 430 44.12 -3.21 -2.36
CA UNK B 431 41.88 -0.82 -4.34
CA UNK B 432 39.07 -3.37 -4.24
CA UNK B 433 39.70 -4.19 -0.58
CA UNK B 434 39.63 -0.57 0.63
CA UNK B 435 35.86 -0.55 -0.18
CA UNK B 436 35.34 -2.83 2.84
CA UNK B 437 37.16 -0.27 4.98
CA UNK B 438 34.93 2.30 3.26
CA UNK B 439 31.80 0.64 4.68
CA UNK B 440 33.48 0.39 8.08
CA UNK B 441 34.31 4.12 8.31
CA UNK B 442 30.75 5.03 7.23
CA UNK B 443 29.13 2.98 9.98
CA UNK B 444 31.66 3.95 12.66
CA UNK B 445 32.61 0.28 12.91
CA UNK B 446 35.29 -0.99 15.22
CA UNK B 447 38.24 -3.32 14.70
CA UNK B 448 36.14 -6.03 16.37
CA UNK B 449 33.17 -5.48 14.01
CA UNK B 450 35.23 -6.40 10.94
CA UNK B 451 37.15 -9.19 12.73
CA UNK B 452 33.84 -10.90 13.58
CA UNK B 453 32.43 -10.99 10.00
CA UNK B 454 32.83 -14.29 8.19
CA UNK B 455 35.28 -13.77 5.37
CA UNK B 456 35.53 -16.46 2.68
CA UNK B 457 38.49 -18.83 2.50
CA UNK B 458 40.87 -18.62 0.69
CA UNK B 459 40.72 -14.91 -0.06
CA UNK B 460 42.80 -11.77 0.27
CA UNK B 461 39.89 -10.18 2.20
CA UNK B 462 40.86 -12.37 5.15
CA UNK B 463 44.00 -10.21 5.51
CA UNK B 464 41.73 -7.23 6.20
CA UNK B 465 39.82 -9.23 8.83
CA UNK B 466 43.08 -10.44 10.46
CA UNK B 467 44.52 -6.90 10.51
CA UNK B 468 41.38 -5.58 12.26
CA UNK B 469 41.62 -8.56 14.59
CA UNK B 470 45.25 -7.67 15.35
CA UNK B 471 44.30 -4.03 16.01
CA UNK B 472 42.08 -4.60 19.04
CA UNK B 473 43.27 -8.06 20.17
CA UNK B 474 45.32 -10.78 18.36
CA UNK B 475 45.49 -12.27 14.88
CA UNK B 476 45.09 -15.97 14.27
CA UNK B 477 47.71 -16.24 11.48
CA UNK B 478 50.62 -14.16 12.77
CA UNK C 1 3.80 -36.31 69.37
CA UNK C 2 4.39 -32.54 69.25
CA UNK C 3 1.71 -30.12 70.39
CA UNK C 4 0.87 -26.70 68.92
CA UNK C 5 -2.12 -24.31 69.07
CA UNK C 6 -4.13 -22.37 66.47
CA UNK C 7 -7.38 -20.35 66.36
CA UNK C 8 -8.51 -22.32 63.33
CA UNK C 9 -7.47 -25.53 61.68
CA UNK C 10 -8.91 -26.33 58.31
CA UNK C 11 -8.89 -30.05 57.51
CA UNK C 12 -8.44 -30.11 53.75
CA UNK C 13 -6.89 -27.70 51.24
CA UNK C 14 -9.54 -27.69 48.46
CA UNK C 15 -11.67 -24.63 47.35
CA UNK C 16 -13.46 -24.68 50.72
CA UNK C 17 -10.21 -25.40 52.56
CA UNK C 18 -7.52 -23.06 51.19
CA UNK C 19 -10.02 -20.21 50.86
CA UNK C 20 -11.26 -20.61 54.48
CA UNK C 21 -7.64 -20.59 55.60
CA UNK C 22 -6.70 -17.42 53.67
CA UNK C 23 -9.83 -15.55 54.83
CA UNK C 24 -9.10 -16.52 58.45
CA UNK C 25 -5.53 -15.21 58.21
CA UNK C 26 -6.95 -11.98 56.79
CA UNK C 27 -9.41 -11.81 59.69
CA UNK C 28 -6.73 -11.77 62.45
CA UNK C 29 -6.80 -15.51 63.26
CA UNK C 30 -3.87 -17.87 63.58
CA UNK C 31 -4.61 -20.37 60.88
CA UNK C 32 -3.50 -23.83 59.92
CA UNK C 33 -4.48 -25.96 56.93
CA UNK C 34 -3.93 -29.71 57.04
CA UNK C 35 -3.55 -31.25 53.59
CA UNK C 36 -3.01 -34.91 52.95
CA UNK C 37 -1.88 -34.87 49.27
CA UNK C 38 1.42 -33.24 48.22
CA UNK C 39 -0.29 -30.21 46.60
CA UNK C 40 -2.90 -27.65 47.50
CA UNK C 41 -6.17 -26.79 45.75
CA UNK C 42 -7.76 -30.18 46.44
CA UNK C 43 -9.76 -32.01 43.81
CA UNK C 44 -10.46 -28.84 41.76
CA UNK C 45 -6.83 -27.85 41.05
CA UNK C 46 -5.33 -31.37 40.66
CA UNK C 47 -8.08 -33.83 39.69
CA UNK C 48 -10.90 -31.46 38.74
CA UNK C 49 -11.60 -27.96 37.47
CA UNK C 50 -8.18 -26.82 36.23
CA UNK C 51 -7.16 -30.23 34.55
CA UNK C 52 -10.44 -30.70 32.72
CA UNK C 53 -10.71 -27.06 31.61
CA UNK C 54 -7.14 -26.98 30.29
CA UNK C 55 -7.92 -30.10 28.28
CA UNK C 56 -11.24 -28.63 27.14
CA UNK C 57 -9.79 -25.38 25.80
CA UNK C 58 -6.86 -27.02 23.99
CA UNK C 59 -9.09 -29.71 22.46
CA UNK C 60 -11.31 -26.93 21.11
CA UNK C 61 -8.32 -25.23 19.46
CA UNK C 62 -7.44 -28.58 17.77
CA UNK C 63 -11.11 -28.86 16.82
CA UNK C 64 -11.28 -25.32 15.37
CA UNK C 65 -8.04 -25.83 13.45
CA UNK C 66 -9.51 -29.01 11.94
CA UNK C 67 -13.03 -27.73 11.25
CA UNK C 68 -13.28 -23.93 11.34
CA UNK C 69 -9.85 -22.78 10.05
CA UNK C 70 -10.58 -23.05 6.30
CA UNK C 71 -13.87 -21.16 6.72
CA UNK C 72 -12.14 -18.48 8.83
CA UNK C 73 -9.74 -17.85 5.92
CA UNK C 74 -6.75 -19.68 7.38
CA UNK C 75 -5.11 -22.40 5.32
CA UNK C 76 -3.34 -25.19 7.11
CA UNK C 77 -1.31 -26.85 4.39
CA UNK C 78 -0.69 -30.36 5.70
CA UNK C 79 -1.51 -32.56 8.69
CA UNK C 80 -2.73 -31.46 12.04
CA UNK C 81 -2.36 -34.09 14.69
CA UNK C 82 -2.28 -33.82 18.47
CA UNK C 83 0.84 -34.46 20.48
CA UNK C 84 -0.73 -36.16 23.48
CA UNK C 85 2.46 -35.66 25.53
CA UNK C 86 2.58 -31.86 25.17
CA UNK C 87 -1.24 -31.71 25.37
CA UNK C 88 -0.80 -33.21 28.80
CA UNK C 89 2.20 -30.95 29.66
CA UNK C 90 0.16 -27.78 28.93
CA UNK C 91 -2.44 -29.00 31.41
CA UNK C 92 0.16 -30.20 33.97
CA UNK C 93 2.05 -26.90 33.99
CA UNK C 94 -1.22 -25.00 34.58
CA UNK C 95 -1.95 -27.30 37.54
CA UNK C 96 1.65 -26.87 38.69
CA UNK C 97 1.48 -23.06 38.56
CA UNK C 98 -1.91 -22.74 40.28
CA UNK C 99 -1.13 -25.19 43.13
CA UNK C 100 2.29 -23.57 43.57
CA UNK C 101 0.50 -20.21 43.76
CA UNK C 102 -1.82 -21.36 46.59
CA UNK C 103 1.24 -22.37 48.65
CA UNK C 104 2.69 -18.89 47.97
CA UNK C 105 -0.60 -17.29 49.05
CA UNK C 106 -0.50 -19.27 52.30
CA UNK C 107 3.04 -18.09 52.87
CA UNK C 108 2.02 -14.45 52.41
CA UNK C 109 -1.03 -14.85 54.67
CA UNK C 110 1.00 -16.85 57.25
CA UNK C 111 -1.15 -19.93 57.24
CA UNK C 112 0.74 -22.97 58.52
CA UNK C 113 0.59 -25.79 55.99
CA UNK C 114 0.64 -29.19 57.69
CA UNK C 115 1.37 -31.78 55.04
CA UNK C 116 -0.17 -34.86 56.54
CA UNK C 117 -3.45 -36.62 57.35
CA UNK C 118 -5.79 -34.68 59.60
CA UNK C 119 -7.84 -36.60 62.14
CA UNK C 120 -9.78 -35.97 65.34
CA UNK C 121 -8.26 -36.77 68.70
CA UNK C 122 -10.67 -34.73 70.81
CA UNK C 123 -13.48 -32.33 70.03
CA UNK C 124 -10.75 -29.74 70.42
CA UNK C 125 -7.55 -31.53 69.23
CA UNK C 126 -6.44 -32.64 65.78
CA UNK C 127 -3.88 -35.37 65.17
CA UNK C 128 -1.74 -34.51 62.13
CA UNK C 129 -0.59 -37.99 61.11
CA UNK C 130 2.37 -38.34 58.63
CA UNK C 131 1.60 -39.48 55.12
CA UNK C 132 4.24 -41.01 52.78
CA UNK C 133 6.21 -38.74 50.44
CA UNK C 134 7.41 -35.13 50.68
CA UNK C 135 7.19 -33.32 54.03
CA UNK C 136 5.33 -35.79 56.31
CA UNK C 137 3.52 -33.92 59.13
CA UNK C 138 5.96 -31.07 60.08
CA UNK C 139 8.78 -33.45 61.03
CA UNK C 140 6.51 -36.21 62.53
CA UNK C 141 3.24 -36.67 64.26
CA UNK C 142 1.48 -33.53 65.45
CA UNK C 143 -1.43 -32.82 67.82
CA UNK C 144 -3.08 -29.40 67.59
CA UNK C 145 -5.34 -27.73 70.12
CA UNK C 146 -7.84 -25.46 68.48
CA UNK C 147 -10.67 -23.16 69.41
CA UNK C 148 -12.41 -23.55 66.05
CA UNK C 149 -11.98 -26.24 63.43
CA UNK C 150 -13.40 -26.31 59.93
CA UNK C 151 -13.44 -29.71 58.24
CA UNK C 152 -13.20 -29.08 54.55
CA UNK C 153 -12.53 -32.61 53.32
CA UNK C 154 -13.81 -33.20 49.80
CA UNK C 155 -15.23 -35.80 47.61
CA UNK C 156 -14.18 -38.96 45.86
CA UNK C 157 -15.45 -40.84 42.79
CA UNK C 158 -18.53 -43.01 43.36
CA UNK C 159 -17.40 -46.50 42.18
CA UNK C 160 -19.71 -48.69 40.14
CA UNK C 161 -20.32 -52.06 41.90
CA UNK C 162 -18.44 -54.82 40.16
CA UNK C 163 -16.34 -52.50 37.97
CA UNK C 164 -12.69 -52.41 38.94
CA UNK C 165 -11.40 -48.93 38.24
CA UNK C 166 -7.81 -49.61 37.24
CA UNK C 167 -6.92 -46.15 35.96
CA UNK C 168 -5.35 -47.25 32.77
CA UNK C 169 -8.24 -48.93 30.94
CA UNK C 170 -11.18 -48.55 33.31
CA UNK C 171 -10.58 -45.00 34.41
CA UNK C 172 -12.53 -42.52 36.47
CA UNK C 173 -12.44 -38.72 35.87
CA UNK C 174 -8.84 -38.64 37.19
CA UNK C 175 -7.60 -41.45 34.92
CA UNK C 176 -9.32 -39.85 31.90
CA UNK C 177 -7.44 -36.61 32.49
CA UNK C 178 -4.08 -38.36 32.16
CA UNK C 179 -4.56 -40.76 29.21
CA UNK C 180 -1.24 -40.69 27.33
CA UNK C 181 -2.83 -42.48 24.37
CA UNK C 182 -6.16 -41.41 22.88
CA UNK C 183 -8.70 -44.29 22.69
CA UNK C 184 -10.32 -45.36 19.44
CA UNK C 185 -13.51 -45.84 21.48
CA UNK C 186 -14.21 -44.18 24.82
CA UNK C 187 -17.35 -45.32 26.64
CA UNK C 188 -18.57 -43.24 29.59
CA UNK C 189 -21.03 -44.33 32.27
CA UNK C 190 -22.71 -41.16 33.45
CA UNK C 191 -24.58 -38.41 31.66
CA UNK C 192 -23.44 -35.78 34.19
CA UNK C 193 -21.34 -32.69 33.49
CA UNK C 194 -18.06 -34.51 34.22
CA UNK C 195 -18.88 -37.29 31.73
CA UNK C 196 -20.11 -34.84 29.07
CA UNK C 197 -16.98 -32.67 29.34
CA UNK C 198 -14.68 -35.74 29.22
CA UNK C 199 -16.68 -36.95 26.22
CA UNK C 200 -16.18 -33.58 24.49
CA UNK C 201 -12.37 -33.33 24.83
CA UNK C 202 -11.77 -36.87 23.54
CA UNK C 203 -14.31 -36.85 20.67
CA UNK C 204 -12.68 -33.62 19.41
CA UNK C 205 -9.43 -35.58 19.47
CA UNK C 206 -10.64 -38.76 17.71
CA UNK C 207 -12.48 -41.11 20.14
CA UNK C 208 -15.78 -42.69 19.20
CA UNK C 209 -17.48 -41.66 22.39
CA UNK C 210 -20.56 -43.34 23.80
CA UNK C 211 -22.43 -42.14 26.93
CA UNK C 212 -24.41 -44.77 28.82
CA UNK C 213 -26.87 -43.30 31.36
CA UNK C 214 -29.80 -44.76 33.33
CA UNK C 215 -31.65 -41.44 33.26
CA UNK C 216 -33.50 -40.38 30.03
CA UNK C 217 -32.06 -36.83 29.90
CA UNK C 218 -28.43 -35.86 30.51
CA UNK C 219 -27.09 -32.99 32.68
CA UNK C 220 -29.19 -34.18 35.67
CA UNK C 221 -29.75 -30.79 37.38
CA UNK C 222 -30.23 -29.07 34.02
CA UNK C 223 -33.37 -27.37 32.72
CA UNK C 224 -35.44 -29.78 30.59
CA UNK C 225 -35.35 -27.64 27.45
CA UNK C 226 -31.60 -26.93 27.88
CA UNK C 227 -30.70 -30.59 28.55
CA UNK C 228 -32.53 -31.94 25.51
CA UNK C 229 -30.75 -29.31 23.40
CA UNK C 230 -27.45 -30.29 25.05
CA UNK C 231 -27.93 -33.85 23.78
CA UNK C 232 -28.50 -32.48 20.28
CA UNK C 233 -25.37 -30.30 19.91
CA UNK C 234 -23.13 -33.01 21.38
CA UNK C 235 -24.66 -35.63 19.06
CA UNK C 236 -23.74 -33.30 16.20
CA UNK C 237 -20.22 -33.15 17.70
CA UNK C 238 -19.98 -36.96 17.54
CA UNK C 239 -21.15 -38.22 20.94
CA UNK C 240 -23.41 -41.22 20.99
CA UNK C 241 -25.99 -41.49 23.75
CA UNK C 242 -27.38 -44.71 25.11
CA UNK C 243 -30.02 -43.41 27.49
CA UNK C 244 -32.34 -45.22 29.94
CA UNK C 245 -29.63 -47.84 30.04
CA UNK C 246 -28.14 -49.50 33.08
CA UNK C 247 -24.67 -51.07 32.88
CA UNK C 248 -24.33 -54.63 34.10
CA UNK C 249 -20.74 -55.77 33.47
CA UNK C 250 -17.41 -54.29 32.51
CA UNK C 251 -14.26 -56.30 32.31
CA UNK C 252 -10.85 -55.76 30.75
CA UNK C 253 -10.43 -58.35 28.03
CA UNK C 254 -6.65 -58.01 28.02
CA UNK C 255 -6.33 -60.59 25.23
CA UNK C 256 -8.03 -58.13 22.88
CA UNK C 257 -7.10 -54.98 24.95
CA UNK C 258 -10.82 -54.13 24.89
CA UNK C 259 -12.93 -53.35 27.98
CA UNK C 260 -15.84 -55.67 27.33
CA UNK C 261 -18.95 -53.87 28.58
CA UNK C 262 -22.49 -55.30 28.87
CA UNK C 263 -25.50 -52.97 29.29
CA UNK C 264 -29.31 -53.32 29.37
CA UNK C 265 -32.05 -51.03 28.09
CA UNK C 266 -34.73 -50.19 30.69
CA UNK C 267 -37.62 -50.02 28.23
CA UNK C 268 -36.79 -53.28 26.45
CA UNK C 269 -34.99 -55.61 28.93
CA UNK C 270 -32.54 -56.99 26.35
CA UNK C 271 -28.78 -56.75 26.72
CA UNK C 272 -25.99 -55.68 24.37
CA UNK C 273 -22.28 -56.34 24.68
CA UNK C 274 -20.20 -53.27 23.97
CA UNK C 275 -16.50 -52.91 23.28
CA UNK C 276 -14.37 -49.90 24.21
CA UNK C 277 -10.62 -49.35 24.57
CA UNK C 278 -11.09 -47.18 27.65
CA UNK C 279 -14.15 -47.05 29.91
CA UNK C 280 -14.87 -44.10 32.23
CA UNK C 281 -17.04 -44.41 35.33
CA UNK C 282 -18.50 -40.99 35.87
CA UNK C 283 -21.63 -42.14 37.72
CA UNK C 284 -21.08 -39.50 40.39
CA UNK C 285 -19.04 -38.32 43.32
CA UNK C 286 -19.58 -38.99 47.00
CA UNK C 287 -18.20 -37.40 50.26
CA UNK C 288 -14.94 -38.24 51.90
CA UNK C 289 -14.97 -38.58 55.67
CA UNK C 290 -12.36 -41.39 55.86
CA UNK C 291 -9.17 -40.71 57.80
CA UNK C 292 -10.81 -37.72 59.53
CA UNK C 293 -12.34 -39.74 62.37
CA UNK C 294 -15.95 -38.57 62.46
CA UNK C 295 -16.70 -41.76 64.42
CA UNK C 296 -14.46 -40.83 67.41
CA UNK C 297 -16.26 -37.60 68.34
CA UNK C 298 -19.61 -38.71 66.86
CA UNK C 299 -19.85 -36.17 64.05
CA UNK C 300 -23.05 -37.08 62.19
CA UNK C 301 -22.78 -38.54 58.69
CA UNK C 302 -26.01 -39.31 56.74
CA UNK C 303 -27.34 -42.07 54.42
CA UNK C 304 -25.47 -40.44 51.54
CA UNK C 305 -22.09 -40.14 53.40
CA UNK C 306 -22.21 -36.40 54.08
CA UNK C 307 -21.44 -34.69 57.35
CA UNK C 308 -24.62 -32.89 58.37
CA UNK C 309 -24.80 -29.24 59.42
CA UNK C 310 -27.16 -26.39 60.26
CA UNK C 311 -27.44 -23.05 58.34
CA UNK C 312 -24.59 -21.72 60.50
CA UNK C 313 -22.32 -24.41 58.94
CA UNK C 314 -21.58 -26.29 62.18
CA UNK C 315 -22.29 -29.86 63.21
CA UNK C 316 -23.34 -30.89 66.79
CA UNK C 317 -20.30 -29.01 68.10
CA UNK C 318 -20.61 -25.17 67.66
CA UNK C 319 -16.89 -24.88 66.88
CA UNK C 320 -16.65 -27.72 64.34
CA UNK C 321 -17.90 -26.38 61.03
CA UNK C 322 -18.31 -28.58 57.97
CA UNK C 323 -17.93 -27.04 54.51
CA UNK C 324 -17.34 -28.15 50.91
CA UNK C 325 -18.13 -31.32 49.03
CA UNK C 326 -18.37 -33.45 52.15
CA UNK C 327 -21.39 -31.39 53.34
CA UNK C 328 -24.72 -30.25 51.78
CA UNK C 329 -25.12 -28.39 48.52
CA UNK C 330 -24.12 -28.77 44.82
CA UNK C 331 -20.62 -30.23 44.53
CA UNK C 332 -19.06 -27.15 42.97
CA UNK C 333 -15.76 -25.44 43.70
CA UNK C 334 -17.18 -21.90 43.92
CA UNK C 335 -20.02 -23.10 46.20
CA UNK C 336 -17.26 -24.48 48.41
CA UNK C 337 -15.27 -21.20 48.19
CA UNK C 338 -18.34 -19.23 49.31
CA UNK C 339 -18.79 -21.61 52.26
CA UNK C 340 -15.10 -21.34 53.28
CA UNK C 341 -15.46 -17.56 53.46
CA UNK C 342 -18.91 -17.55 55.17
CA UNK C 343 -17.84 -20.05 57.83
CA UNK C 344 -14.78 -17.92 58.69
CA UNK C 345 -16.84 -14.69 58.70
CA UNK C 346 -19.10 -16.42 61.24
CA UNK C 347 -16.16 -16.93 63.60
CA UNK C 348 -15.13 -13.26 63.55
CA UNK C 349 -18.49 -11.50 63.10
CA UNK C 350 -21.21 -14.13 63.68
CA UNK C 351 -22.47 -13.42 60.15
CA UNK C 352 -22.12 -14.97 56.70
CA UNK C 353 -24.38 -16.11 53.86
CA UNK C 354 -24.05 -18.39 50.90
CA UNK C 355 -27.03 -17.79 48.64
CA UNK C 356 -27.71 -21.39 47.63
CA UNK C 357 -30.41 -20.11 45.24
CA UNK C 358 -27.73 -18.18 43.27
CA UNK C 359 -25.16 -20.91 42.68
CA UNK C 360 -24.14 -21.26 39.01
CA UNK C 361 -23.69 -24.68 37.43
CA UNK C 362 -21.50 -24.55 34.33
CA UNK C 363 -20.53 -27.23 31.88
CA UNK C 364 -17.53 -26.03 29.88
CA UNK C 365 -18.27 -27.85 26.65
CA UNK C 366 -18.52 -25.86 23.41
CA UNK C 367 -21.10 -24.35 23.39
CA UNK C 368 -20.83 -23.85 27.15
CA UNK C 369 -23.97 -24.61 29.17
CA UNK C 370 -24.61 -22.49 32.27
CA UNK C 371 -27.48 -21.80 34.68
CA UNK C 372 -28.60 -19.86 37.72
CA UNK C 373 -31.98 -19.86 39.46
CA UNK C 374 -34.98 -22.08 38.94
CA UNK C 375 -35.65 -24.22 35.92
CA UNK C 376 -39.04 -24.52 34.17
CA UNK C 377 -39.74 -27.83 35.87
CA UNK C 378 -39.09 -26.27 39.28
CA UNK C 379 -41.43 -23.30 38.65
CA UNK C 380 -44.23 -25.60 37.43
CA UNK C 381 -43.47 -27.85 40.42
CA UNK C 382 -43.85 -24.85 42.74
CA UNK C 383 -46.89 -23.52 40.84
CA UNK C 384 -45.13 -20.24 39.93
CA UNK C 385 -46.61 -18.47 36.93
CA UNK C 386 -43.74 -17.46 34.69
CA UNK C 387 -42.87 -15.82 31.38
CA UNK C 388 -40.15 -17.29 29.15
CA UNK C 389 -37.97 -15.03 27.04
CA UNK C 390 -35.26 -16.70 25.01
CA UNK C 391 -33.00 -15.21 22.37
CA UNK C 392 -30.97 -17.36 19.87
CA UNK C 393 -27.28 -16.66 19.34
CA UNK C 394 -28.00 -16.90 15.61
CA UNK C 395 -29.64 -13.48 16.06
CA UNK C 396 -26.71 -12.07 18.10
CA UNK C 397 -24.35 -9.77 16.24
CA UNK C 398 -21.02 -10.94 17.69
CA UNK C 399 -22.03 -14.63 17.55
CA UNK C 400 -22.57 -14.42 13.77
CA UNK C 401 -19.51 -12.21 13.26
CA UNK C 402 -17.49 -14.81 15.16
CA UNK C 403 -19.20 -17.76 13.37
CA UNK C 404 -20.14 -19.32 16.66
CA UNK C 405 -23.91 -19.24 16.81
CA UNK C 406 -24.95 -22.39 18.68
CA UNK C 407 -27.28 -21.81 21.59
CA UNK C 408 -29.78 -19.47 23.17
CA UNK C 409 -30.19 -17.31 26.31
CA UNK C 410 -33.37 -18.18 28.22
CA UNK C 411 -34.86 -15.86 30.83
CA UNK C 412 -37.57 -17.18 33.12
CA UNK C 413 -39.29 -14.33 34.98
CA UNK C 414 -42.24 -14.07 37.37
CA UNK C 415 -45.35 -12.97 35.44
CA UNK C 416 -46.51 -10.45 38.07
CA UNK C 417 -43.31 -9.00 39.58
CA UNK C 418 -41.36 -9.45 36.30
CA UNK C 419 -38.23 -10.34 38.24
CA UNK C 420 -35.64 -12.80 36.97
CA UNK C 421 -36.16 -16.24 38.52
CA UNK C 422 -33.83 -18.26 36.27
CA UNK C 423 -31.31 -17.86 33.43
CA UNK C 424 -30.33 -20.81 31.25
CA UNK C 425 -27.72 -20.14 28.61
CA UNK C 426 -26.40 -22.59 26.05
CA UNK C 427 -23.76 -20.60 24.12
CA UNK C 428 -20.09 -19.49 23.85
CA UNK C 429 -18.95 -17.58 26.98
CA UNK C 430 -22.04 -18.93 28.85
CA UNK C 431 -20.01 -19.49 32.05
CA UNK C 432 -18.97 -15.84 31.81
CA UNK C 433 -22.44 -14.60 30.90
CA UNK C 434 -24.18 -16.34 33.79
CA UNK C 435 -22.16 -14.02 36.06
CA UNK C 436 -24.28 -11.16 34.74
CA UNK C 437 -27.37 -13.27 35.42
CA UNK C 438 -26.06 -13.93 38.92
CA UNK C 439 -25.56 -10.25 39.82
CA UNK C 440 -29.04 -9.44 38.48
CA UNK C 441 -30.59 -12.19 40.66
CA UNK C 442 -28.75 -10.96 43.76
CA UNK C 443 -30.31 -7.52 43.33
CA UNK C 444 -33.75 -9.06 42.59
CA UNK C 445 -33.78 -7.28 39.26
CA UNK C 446 -36.49 -7.46 36.65
CA UNK C 447 -36.07 -8.41 33.00
CA UNK C 448 -36.69 -4.73 32.35
CA UNK C 449 -33.78 -3.47 34.54
CA UNK C 450 -31.05 -5.37 32.71
CA UNK C 451 -32.86 -4.56 29.43
CA UNK C 452 -32.31 -0.91 30.35
CA UNK C 453 -28.58 -1.55 30.94
CA UNK C 454 -26.56 -0.33 27.99
CA UNK C 455 -24.74 -3.38 26.66
CA UNK C 456 -21.85 -2.81 24.23
CA UNK C 457 -21.99 -3.64 20.53
CA UNK C 458 -20.96 -6.09 19.20
CA UNK C 459 -20.94 -8.42 22.20
CA UNK C 460 -22.57 -11.72 23.20
CA UNK C 461 -23.99 -9.93 26.28
CA UNK C 462 -26.56 -8.29 23.98
CA UNK C 463 -28.19 -11.72 23.72
CA UNK C 464 -28.75 -11.53 27.46
CA UNK C 465 -30.14 -7.96 27.27
CA UNK C 466 -32.55 -8.96 24.53
CA UNK C 467 -33.54 -12.34 26.00
CA UNK C 468 -34.70 -10.20 28.93
CA UNK C 469 -36.37 -7.77 26.51
CA UNK C 470 -38.24 -10.72 25.00
CA UNK C 471 -39.34 -11.91 28.46
CA UNK C 472 -41.36 -8.85 29.56
CA UNK C 473 -41.93 -7.08 26.21
CA UNK C 474 -40.19 -7.60 22.78
CA UNK C 475 -36.60 -7.90 21.66
CA UNK C 476 -35.18 -5.79 18.85
CA UNK C 477 -33.32 -8.43 16.82
CA UNK C 478 -35.90 -11.13 17.52
CA UNK D 1 -43.24 12.69 -7.27
CA UNK D 2 -45.60 10.69 -5.02
CA UNK D 3 -46.68 11.90 -1.55
CA UNK D 4 -47.33 9.26 1.13
CA UNK D 5 -48.00 9.80 4.85
CA UNK D 6 -46.34 8.05 7.79
CA UNK D 7 -46.28 8.68 11.56
CA UNK D 8 -42.49 8.48 12.05
CA UNK D 9 -39.69 8.63 9.48
CA UNK D 10 -36.03 7.83 10.18
CA UNK D 11 -33.43 9.43 7.90
CA UNK D 12 -30.77 6.77 8.26
CA UNK D 13 -30.53 3.02 8.63
CA UNK D 14 -27.58 2.77 11.04
CA UNK D 15 -27.76 1.49 14.71
CA UNK D 16 -29.86 4.47 15.85
CA UNK D 17 -31.93 4.29 12.67
CA UNK D 18 -33.06 0.68 12.24
CA UNK D 19 -33.79 -0.12 15.95
CA UNK D 20 -35.72 3.18 16.15
CA UNK D 21 -37.67 1.92 13.15
CA UNK D 22 -38.26 -1.53 14.65
CA UNK D 23 -39.23 -0.03 18.02
CA UNK D 24 -41.63 2.57 16.55
CA UNK D 25 -43.28 -0.15 14.48
CA UNK D 26 -43.54 -2.31 17.61
CA UNK D 27 -45.08 0.71 19.36
CA UNK D 28 -47.82 0.78 16.71
CA UNK D 29 -46.48 3.73 14.66
CA UNK D 30 -46.57 3.76 10.85
CA UNK D 31 -42.85 3.69 10.45
CA UNK D 32 -40.67 4.50 7.50
CA UNK D 33 -36.89 4.29 7.28
CA UNK D 34 -34.97 6.04 4.52
CA UNK D 35 -31.57 4.60 3.67
CA UNK D 36 -29.37 5.95 0.95
CA UNK D 37 -27.09 2.89 0.60
CA UNK D 38 -28.26 -0.56 -0.54
CA UNK D 39 -28.28 -2.01 3.00
CA UNK D 40 -29.44 -1.39 6.54
CA UNK D 41 -27.02 -1.35 9.45
CA UNK D 42 -25.26 1.92 8.58
CA UNK D 43 -21.54 2.34 9.26
CA UNK D 44 -21.61 -0.37 11.97
CA UNK D 45 -22.77 -3.46 10.05
CA UNK D 46 -21.45 -2.49 6.63
CA UNK D 47 -18.10 -0.70 7.13
CA UNK D 48 -17.68 -0.58 10.92
CA UNK D 49 -18.43 -2.89 13.84
CA UNK D 50 -19.23 -6.21 12.11
CA UNK D 51 -16.39 -6.21 9.44
CA UNK D 52 -13.54 -5.11 11.75
CA UNK D 53 -14.56 -7.60 14.49
CA UNK D 54 -14.74 -10.36 11.88
CA UNK D 55 -11.19 -9.53 10.76
CA UNK D 56 -10.17 -9.26 14.41
CA UNK D 57 -11.41 -12.72 15.42
CA UNK D 58 -10.16 -14.64 12.37
CA UNK D 59 -6.72 -12.97 12.51
CA UNK D 60 -6.56 -13.83 16.21
CA UNK D 61 -7.24 -17.48 15.43
CA UNK D 62 -4.51 -17.38 12.77
CA UNK D 63 -2.33 -15.85 15.50
CA UNK D 64 -3.19 -18.68 17.91
CA UNK D 65 -2.50 -21.33 15.27
CA UNK D 66 0.82 -19.79 14.34
CA UNK D 67 2.29 -19.12 17.83
CA UNK D 68 0.27 -20.91 20.57
CA UNK D 69 -0.73 -24.20 18.82
CA UNK D 70 2.38 -26.36 19.51
CA UNK D 71 2.43 -25.19 23.15
CA UNK D 72 -1.23 -26.28 23.46
CA UNK D 73 -0.13 -29.73 22.21
CA UNK D 74 -1.15 -29.38 18.55
CA UNK D 75 1.55 -30.25 16.06
CA UNK D 76 0.95 -29.13 12.53
CA UNK D 77 2.89 -31.13 10.00
CA UNK D 78 2.73 -28.39 7.37
CA UNK D 79 2.38 -24.69 6.68
CA UNK D 80 0.00 -22.18 8.29
CA UNK D 81 -0.71 -19.32 5.93
CA UNK D 82 -3.48 -16.74 5.82
CA UNK D 83 -5.59 -16.81 2.69
CA UNK D 84 -6.61 -13.15 2.38
CA UNK D 85 -9.41 -13.94 -0.11
CA UNK D 86 -11.16 -16.52 2.10
CA UNK D 87 -10.47 -14.25 5.10
CA UNK D 88 -12.16 -11.34 3.31
CA UNK D 89 -15.01 -13.63 2.23
CA UNK D 90 -15.62 -14.68 5.88
CA UNK D 91 -15.92 -10.99 6.73
CA UNK D 92 -18.20 -10.32 3.74
CA UNK D 93 -20.54 -13.20 4.60
CA UNK D 94 -20.91 -11.90 8.16
CA UNK D 95 -21.77 -8.41 6.89
CA UNK D 96 -24.11 -9.93 4.25
CA UNK D 97 -26.01 -12.08 6.75
CA UNK D 98 -26.47 -9.34 9.36
CA UNK D 99 -27.68 -6.73 6.87
CA UNK D 100 -30.15 -9.21 5.35
CA UNK D 101 -31.32 -10.00 8.88
CA UNK D 102 -32.47 -6.39 9.36
CA UNK D 103 -34.44 -6.55 6.09
CA UNK D 104 -36.09 -9.72 7.45
CA UNK D 105 -36.84 -7.82 10.67
CA UNK D 106 -38.21 -4.82 8.72
CA UNK D 107 -40.66 -7.08 6.93
CA UNK D 108 -41.59 -8.78 10.20
CA UNK D 109 -42.19 -5.48 12.04
CA UNK D 110 -43.84 -3.84 8.95
CA UNK D 111 -41.34 -0.99 8.52
CA UNK D 112 -41.43 0.78 5.14
CA UNK D 113 -37.89 0.76 3.75
CA UNK D 114 -37.13 3.52 1.25
CA UNK D 115 -33.92 2.99 -0.67
CA UNK D 116 -32.90 6.54 -1.50
CA UNK D 117 -31.73 9.84 0.03
CA UNK D 118 -33.91 11.65 2.56
CA UNK D 119 -34.15 15.40 2.81
CA UNK D 120 -36.25 18.17 4.32
CA UNK D 121 -38.87 19.76 2.08
CA UNK D 122 -39.88 21.80 5.07
CA UNK D 123 -40.10 20.87 8.77
CA UNK D 124 -43.40 18.96 8.31
CA UNK D 125 -42.21 16.71 5.43
CA UNK D 126 -39.42 14.64 3.89
CA UNK D 127 -38.39 13.93 0.26
CA UNK D 128 -36.88 10.60 -0.83
CA UNK D 129 -34.93 11.20 -4.04
CA UNK D 130 -33.81 8.19 -6.21
CA UNK D 131 -30.08 7.49 -5.95
CA UNK D 132 -27.98 5.88 -8.78
CA UNK D 133 -26.93 2.17 -8.95
CA UNK D 134 -29.22 1.36 -6.03
CA UNK D 135 -31.29 -1.76 -6.64
CA UNK D 136 -34.64 -0.43 -5.54
CA UNK D 137 -34.01 3.36 -5.68
CA UNK D 138 -37.61 4.45 -5.25
CA UNK D 139 -38.87 4.97 -8.83
CA UNK D 140 -39.26 8.76 -8.65
CA UNK D 141 -39.42 11.19 -5.68
CA UNK D 142 -41.51 10.59 -2.57
CA UNK D 143 -42.78 13.36 -0.31
CA UNK D 144 -43.67 11.92 3.05
CA UNK D 145 -46.07 13.83 5.24
CA UNK D 146 -44.67 12.92 8.60
CA UNK D 147 -45.71 13.73 12.14
CA UNK D 148 -42.31 12.94 13.66
CA UNK D 149 -38.88 12.96 12.12
CA UNK D 150 -35.88 11.19 13.64
CA UNK D 151 -32.52 12.06 12.11
CA UNK D 152 -30.04 9.22 12.31
CA UNK D 153 -27.70 10.32 9.49
CA UNK D 154 -24.67 9.30 11.54
CA UNK D 155 -21.14 10.00 10.46
CA UNK D 156 -18.24 9.85 8.02
CA UNK D 157 -14.42 9.64 8.23
CA UNK D 158 -12.69 12.92 9.13
CA UNK D 159 -10.17 13.48 6.27
CA UNK D 160 -6.67 14.59 7.25
CA UNK D 161 -6.12 17.86 5.28
CA UNK D 162 -3.48 17.39 2.63
CA UNK D 163 -3.87 13.62 2.35
CA UNK D 164 -5.64 12.17 -0.66
CA UNK D 165 -7.75 9.26 0.61
CA UNK D 166 -7.78 6.84 -2.26
CA UNK D 167 -9.02 3.39 -1.09
CA UNK D 168 -5.84 1.63 -2.30
CA UNK D 169 -2.64 3.12 -0.82
CA UNK D 170 -3.92 5.92 1.44
CA UNK D 171 -6.87 4.13 3.03
CA UNK D 172 -9.44 5.06 5.68
CA UNK D 173 -11.15 2.51 8.02
CA UNK D 174 -13.31 1.20 5.15
CA UNK D 175 -10.27 0.80 2.89
CA UNK D 176 -8.27 -1.14 5.47
CA UNK D 177 -11.35 -3.31 5.97
CA UNK D 178 -11.31 -4.60 2.38
CA UNK D 179 -7.52 -4.76 1.79
CA UNK D 180 -6.91 -7.60 -0.63
CA UNK D 181 -3.26 -8.20 0.31
CA UNK D 182 -1.44 -7.82 3.61
CA UNK D 183 0.91 -4.77 3.38
CA UNK D 184 4.61 -5.11 4.30
CA UNK D 185 4.24 -1.96 6.39
CA UNK D 186 1.13 -0.22 7.69
CA UNK D 187 1.42 3.32 9.03
CA UNK D 188 -1.71 4.41 10.86
CA UNK D 189 -2.54 8.00 11.71
CA UNK D 190 -4.83 7.83 14.64
CA UNK D 191 -4.14 6.14 17.96
CA UNK D 192 -7.88 5.77 18.76
CA UNK D 193 -9.94 2.58 19.07
CA UNK D 194 -10.54 2.16 15.30
CA UNK D 195 -6.86 2.62 14.31
CA UNK D 196 -5.61 0.36 17.11
CA UNK D 197 -7.99 -2.51 16.22
CA UNK D 198 -6.89 -2.22 12.57
CA UNK D 199 -3.29 -2.19 13.74
CA UNK D 200 -3.92 -5.41 15.65
CA UNK D 201 -5.51 -7.15 12.63
CA UNK D 202 -2.59 -6.54 10.29
CA UNK D 203 0.26 -6.88 12.81
CA UNK D 204 -1.22 -10.35 13.44
CA UNK D 205 -1.27 -11.08 9.69
CA UNK D 206 2.22 -9.96 8.60
CA UNK D 207 2.36 -6.13 8.55
CA UNK D 208 4.85 -4.05 10.47
CA UNK D 209 2.47 -1.58 12.01
CA UNK D 210 3.47 1.90 13.09
CA UNK D 211 0.79 4.03 14.80
CA UNK D 212 1.14 7.83 14.76
CA UNK D 213 -0.77 9.94 17.28
CA UNK D 214 -0.64 13.69 17.90
CA UNK D 215 -1.31 13.52 21.64
CA UNK D 216 1.06 11.84 24.24
CA UNK D 217 -1.40 9.01 24.97
CA UNK D 218 -3.19 6.35 22.93
CA UNK D 219 -6.85 5.34 23.30
CA UNK D 220 -7.84 8.98 24.07
CA UNK D 221 -10.97 8.35 26.21
CA UNK D 222 -9.12 5.73 28.29
CA UNK D 223 -7.99 5.79 31.89
CA UNK D 224 -4.34 6.76 32.45
CA UNK D 225 -3.30 3.33 33.71
CA UNK D 226 -5.36 1.52 31.05
CA UNK D 227 -3.78 3.66 28.31
CA UNK D 228 -0.19 3.08 29.49
CA UNK D 229 -0.87 -0.64 29.71
CA UNK D 230 -2.72 -0.87 26.36
CA UNK D 231 0.30 0.73 24.70
CA UNK D 232 2.58 -1.80 26.42
CA UNK D 233 0.73 -4.96 25.30
CA UNK D 234 0.28 -3.65 21.73
CA UNK D 235 4.00 -2.77 21.58
CA UNK D 236 4.58 -6.30 22.87
CA UNK D 237 2.45 -7.58 19.96
CA UNK D 238 4.63 -5.73 17.38
CA UNK D 239 3.08 -2.24 16.97
CA UNK D 240 5.41 0.76 17.01
CA UNK D 241 4.26 4.04 18.53
CA UNK D 242 4.88 7.57 17.33
CA UNK D 243 3.30 9.45 20.22
CA UNK D 244 3.34 13.23 20.35
CA UNK D 245 3.86 13.13 16.59
CA UNK D 246 1.91 14.84 13.84
CA UNK D 247 1.86 14.11 10.11
CA UNK D 248 3.16 16.97 8.04
CA UNK D 249 2.90 15.36 4.60
CA UNK D 250 1.87 12.08 3.00
CA UNK D 251 2.07 11.47 -0.70
CA UNK D 252 1.52 8.29 -2.65
CA UNK D 253 4.36 7.23 -4.88
CA UNK D 254 3.96 4.68 -7.68
CA UNK D 255 7.58 4.82 -8.81
CA UNK D 256 8.03 2.36 -5.95
CA UNK D 257 4.59 1.82 -4.37
CA UNK D 258 5.10 3.62 -1.08
CA UNK D 259 3.23 6.32 0.81
CA UNK D 260 6.01 8.61 1.90
CA UNK D 261 4.86 9.97 5.21
CA UNK D 262 6.71 12.90 6.78
CA UNK D 263 6.14 13.25 10.50
CA UNK D 264 7.23 15.70 13.21
CA UNK D 265 7.64 15.20 16.94
CA UNK D 266 5.59 17.96 18.67
CA UNK D 267 8.19 18.45 21.46
CA UNK D 268 11.71 19.15 19.96
CA UNK D 269 10.35 19.42 16.48
CA UNK D 270 12.38 17.47 13.93
CA UNK D 271 11.17 16.03 10.71
CA UNK D 272 11.42 12.37 9.87
CA UNK D 273 10.77 10.67 6.53
CA UNK D 274 8.61 7.58 7.08
CA UNK D 275 7.57 5.01 4.52
CA UNK D 276 4.69 2.53 4.25
CA UNK D 277 2.78 0.39 1.74
CA UNK D 278 -0.64 1.57 2.90
CA UNK D 279 -1.52 4.48 5.14
CA UNK D 280 -4.53 4.28 7.39
CA UNK D 281 -6.08 7.68 8.00
CA UNK D 282 -8.23 7.14 11.04
CA UNK D 283 -7.95 10.55 12.70
CA UNK D 284 -11.64 10.44 13.57
CA UNK D 285 -15.25 10.46 12.49
CA UNK D 286 -17.30 13.64 12.14
CA UNK D 287 -21.13 14.08 11.68
CA UNK D 288 -22.74 13.73 8.27
CA UNK D 289 -25.46 16.27 7.50
CA UNK D 290 -24.78 16.26 3.74
CA UNK D 291 -27.77 15.86 1.47
CA UNK D 292 -30.14 16.12 4.47
CA UNK D 293 -31.37 19.69 3.91
CA UNK D 294 -30.93 20.63 7.58
CA UNK D 295 -29.76 24.12 6.66
CA UNK D 296 -32.95 24.63 4.59
CA UNK D 297 -35.16 24.64 7.70
CA UNK D 298 -32.39 26.17 9.83
CA UNK D 299 -31.57 23.14 12.02
CA UNK D 300 -28.91 24.19 14.53
CA UNK D 301 -25.47 22.82 13.90
CA UNK D 302 -22.65 23.74 16.30
CA UNK D 303 -19.01 24.58 15.56
CA UNK D 304 -18.01 20.90 15.75
CA UNK D 305 -20.53 20.01 13.01
CA UNK D 306 -22.97 18.23 15.33
CA UNK D 307 -26.68 18.62 14.93
CA UNK D 308 -27.66 20.27 18.21
CA UNK D 309 -30.48 18.90 20.34
CA UNK D 310 -31.90 19.18 23.86
CA UNK D 311 -32.13 16.63 26.73
CA UNK D 312 -35.18 15.05 25.11
CA UNK D 313 -33.44 14.72 21.67
CA UNK D 314 -35.60 17.36 19.85
CA UNK D 315 -33.93 19.97 17.60
CA UNK D 316 -35.32 23.55 17.54
CA UNK D 317 -38.40 21.96 15.96
CA UNK D 318 -40.05 19.84 18.71
CA UNK D 319 -40.97 16.90 16.45
CA UNK D 320 -37.58 16.51 14.79
CA UNK D 321 -35.45 14.22 16.93
CA UNK D 322 -31.75 13.79 16.13
CA UNK D 323 -30.02 10.67 17.44
CA UNK D 324 -26.84 8.66 16.73
CA UNK D 325 -23.38 9.84 15.66
CA UNK D 326 -24.64 13.05 14.03
CA UNK D 327 -25.63 14.52 17.43
CA UNK D 328 -23.92 14.81 20.89
CA UNK D 329 -22.37 11.92 22.78
CA UNK D 330 -19.70 9.18 22.10
CA UNK D 331 -19.67 7.63 18.63
CA UNK D 332 -20.74 4.15 19.59
CA UNK D 333 -23.33 1.83 18.09
CA UNK D 334 -24.89 0.89 21.44
CA UNK D 335 -25.06 4.58 22.45
CA UNK D 336 -26.78 5.20 19.14
CA UNK D 337 -29.19 2.28 19.63
CA UNK D 338 -30.11 3.50 23.12
CA UNK D 339 -30.80 6.95 21.71
CA UNK D 340 -32.83 5.26 18.96
CA UNK D 341 -35.09 3.41 21.42
CA UNK D 342 -35.34 6.44 23.73
CA UNK D 343 -36.36 8.98 21.08
CA UNK D 344 -39.05 6.51 19.96
CA UNK D 345 -40.40 5.66 23.42
CA UNK D 346 -40.55 9.41 24.19
CA UNK D 347 -43.22 9.69 21.47
CA UNK D 348 -45.25 7.16 23.47
CA UNK D 349 -44.64 8.23 27.08
CA UNK D 350 -43.40 11.83 26.95
CA UNK D 351 -40.22 10.90 28.81
CA UNK D 352 -36.99 9.05 28.25
CA UNK D 353 -33.40 9.20 29.42
CA UNK D 354 -30.16 7.53 28.43
CA UNK D 355 -27.59 7.09 31.22
CA UNK D 356 -24.52 8.58 29.57
CA UNK D 357 -22.48 7.67 32.65
CA UNK D 358 -23.12 3.98 31.93
CA UNK D 359 -21.94 3.55 28.35
CA UNK D 360 -19.05 1.10 27.80
CA UNK D 361 -16.24 1.54 25.31
CA UNK D 362 -14.69 -1.66 24.01
CA UNK D 363 -11.50 -2.12 22.06
CA UNK D 364 -11.77 -5.60 20.56
CA UNK D 365 -8.02 -6.29 20.43
CA UNK D 366 -6.49 -9.24 22.30
CA UNK D 367 -6.47 -8.67 25.18
CA UNK D 368 -9.75 -6.75 24.93
CA UNK D 369 -9.95 -3.36 26.62
CA UNK D 370 -13.32 -2.14 28.07
CA UNK D 371 -14.38 0.65 30.40
CA UNK D 372 -17.58 2.12 31.84
CA UNK D 373 -18.04 5.11 34.14
CA UNK D 374 -15.46 7.50 35.57
CA UNK D 375 -11.73 7.34 34.94
CA UNK D 376 -9.13 8.00 37.72
CA UNK D 377 -8.36 11.39 36.16
CA UNK D 378 -12.10 12.22 36.01
CA UNK D 379 -12.32 11.56 39.73
CA UNK D 380 -9.26 13.63 40.68
CA UNK D 381 -10.70 16.59 38.76
CA UNK D 382 -14.17 16.21 40.26
CA UNK D 383 -12.63 16.27 43.76
CA UNK D 384 -13.85 12.75 44.55
CA UNK D 385 -11.92 10.67 47.02
CA UNK D 386 -11.77 7.15 45.67
CA UNK D 387 -10.35 3.74 46.51
CA UNK D 388 -8.74 1.48 43.91
CA UNK D 389 -9.24 -2.27 43.54
CA UNK D 390 -7.07 -4.20 41.12
CA UNK D 391 -6.82 -7.87 40.25
CA UNK D 392 -4.59 -9.28 37.47
CA UNK D 393 -5.64 -11.99 35.05
CA UNK D 394 -2.34 -13.72 35.89
CA UNK D 395 -3.89 -14.60 39.25
CA UNK D 396 -7.21 -15.67 37.65
CA UNK D 397 -7.94 -19.37 37.43
CA UNK D 398 -9.45 -19.73 33.91
CA UNK D 399 -7.03 -17.19 32.40
CA UNK D 400 -3.97 -19.09 33.67
CA UNK D 401 -5.60 -22.36 32.61
CA UNK D 402 -6.10 -20.99 29.08
CA UNK D 403 -2.54 -19.46 28.95
CA UNK D 404 -4.08 -16.06 28.40
CA UNK D 405 -3.09 -14.07 31.45
CA UNK D 406 -2.68 -10.56 30.01
CA UNK D 407 -4.40 -7.70 31.79
CA UNK D 408 -6.19 -6.66 34.96
CA UNK D 409 -9.59 -5.54 36.31
CA UNK D 410 -9.75 -2.14 38.01
CA UNK D 411 -12.74 -1.04 40.02
CA UNK D 412 -12.84 2.56 41.11
CA UNK D 413 -15.12 3.08 44.09
CA UNK D 414 -15.92 6.13 46.23
CA UNK D 415 -14.09 6.18 49.56
CA UNK D 416 -17.17 7.45 51.39
CA UNK D 417 -20.04 5.44 49.81
CA UNK D 418 -17.96 2.54 48.34
CA UNK D 419 -20.20 2.47 45.22
CA UNK D 420 -18.61 1.73 41.83
CA UNK D 421 -17.68 4.98 40.18
CA UNK D 422 -15.92 3.28 37.28
CA UNK D 423 -14.58 -0.04 36.04
CA UNK D 424 -11.63 -0.55 33.70
CA UNK D 425 -10.89 -3.98 32.30
CA UNK D 426 -7.90 -5.03 30.18
CA UNK D 427 -8.04 -8.80 29.51
CA UNK D 428 -9.59 -11.70 27.55
CA UNK D 429 -13.37 -11.23 27.23
CA UNK D 430 -13.19 -7.69 28.78
CA UNK D 431 -16.00 -6.48 26.48
CA UNK D 432 -18.25 -9.26 27.75
CA UNK D 433 -17.19 -8.71 31.36
CA UNK D 434 -17.87 -4.95 31.38
CA UNK D 435 -21.61 -5.80 31.13
CA UNK D 436 -21.45 -7.00 34.74
CA UNK D 437 -20.00 -3.62 35.72
CA UNK D 438 -22.82 -2.15 33.61
CA UNK D 439 -25.44 -3.72 35.88
CA UNK D 440 -23.48 -2.56 38.93
CA UNK D 441 -23.38 1.11 37.86
CA UNK D 442 -27.11 1.05 37.05
CA UNK D 443 -28.10 -0.21 40.49
CA UNK D 444 -25.59 1.97 42.38
CA UNK D 445 -23.95 -1.20 43.62
CA UNK D 446 -20.90 -1.20 45.83
CA UNK D 447 -17.59 -3.08 45.66
CA UNK D 448 -19.01 -5.37 48.37
CA UNK D 449 -22.19 -6.11 46.38
CA UNK D 450 -20.25 -7.66 43.50
CA UNK D 451 -17.69 -9.36 45.79
CA UNK D 452 -20.53 -11.19 47.57
CA UNK D 453 -22.17 -12.68 44.43
CA UNK D 454 -21.28 -16.28 43.70
CA UNK D 455 -19.21 -16.35 40.55
CA UNK D 456 -18.65 -19.70 38.82
CA UNK D 457 -15.32 -21.51 38.98
CA UNK D 458 -13.16 -21.54 36.90
CA UNK D 459 -14.10 -18.35 35.06
CA UNK D 460 -12.64 -15.00 34.11
CA UNK D 461 -15.64 -13.35 35.81
CA UNK D 462 -14.04 -14.25 39.14
CA UNK D 463 -11.36 -11.63 38.38
CA UNK D 464 -14.09 -8.98 38.41
CA UNK D 465 -15.36 -10.27 41.77
CA UNK D 466 -11.82 -10.35 43.23
CA UNK D 467 -11.09 -6.82 41.99
CA UNK D 468 -14.29 -5.50 43.64
CA UNK D 469 -13.28 -7.46 46.73
CA UNK D 470 -9.84 -5.82 46.68
CA UNK D 471 -11.43 -2.36 46.29
CA UNK D 472 -13.25 -2.23 49.63
CA UNK D 473 -11.34 -4.89 51.60
CA UNK D 474 -8.95 -7.70 50.47
CA UNK D 475 -8.77 -10.20 47.64
CA UNK D 476 -8.50 -13.91 48.26
CA UNK D 477 -6.10 -14.68 45.37
CA UNK D 478 -3.55 -11.86 45.53
CA UNK E 1 -51.94 21.26 -76.88
CA UNK E 2 -50.24 18.58 -74.77
CA UNK E 3 -52.04 16.97 -71.85
CA UNK E 4 -50.53 15.84 -68.52
CA UNK E 5 -51.90 15.01 -65.05
CA UNK E 6 -50.94 15.99 -61.49
CA UNK E 7 -52.45 15.68 -57.98
CA UNK E 8 -51.87 19.36 -57.39
CA UNK E 9 -51.11 22.34 -59.54
CA UNK E 10 -50.14 25.55 -57.85
CA UNK E 11 -50.80 28.64 -59.99
CA UNK E 12 -48.05 31.01 -58.93
CA UNK E 13 -44.57 30.52 -57.47
CA UNK E 14 -44.56 33.15 -54.67
CA UNK E 15 -44.29 32.43 -50.85
CA UNK E 16 -47.73 30.80 -50.95
CA UNK E 17 -46.96 29.10 -54.26
CA UNK E 18 -43.48 27.56 -54.02
CA UNK E 19 -44.04 26.58 -50.37
CA UNK E 20 -47.38 24.86 -51.16
CA UNK E 21 -45.63 22.99 -53.97
CA UNK E 22 -42.71 21.79 -51.82
CA UNK E 23 -45.01 20.71 -48.97
CA UNK E 24 -47.20 18.76 -51.42
CA UNK E 25 -44.17 16.94 -52.84
CA UNK E 26 -43.17 16.07 -49.27
CA UNK E 27 -46.70 14.79 -48.61
CA UNK E 28 -46.67 12.13 -51.38
CA UNK E 29 -48.45 14.20 -54.07
CA UNK E 30 -47.43 14.72 -57.67
CA UNK E 31 -46.97 18.45 -57.79
CA UNK E 32 -46.70 21.12 -60.41
CA UNK E 33 -46.09 24.84 -60.04
CA UNK E 34 -47.00 27.18 -62.88
CA UNK E 35 -44.97 30.40 -62.86
CA UNK E 36 -45.37 33.18 -65.36
CA UNK E 37 -42.18 35.23 -64.71
CA UNK E 38 -38.71 33.79 -65.45
CA UNK E 39 -37.83 33.29 -61.76
CA UNK E 40 -39.38 31.74 -58.69
CA UNK E 41 -40.18 33.29 -55.31
CA UNK E 42 -42.82 35.67 -56.71
CA UNK E 43 -43.05 39.27 -55.59
CA UNK E 44 -41.16 38.64 -52.31
CA UNK E 45 -37.89 37.31 -53.82
CA UNK E 46 -37.76 39.53 -56.95
CA UNK E 47 -39.78 42.70 -56.37
CA UNK E 48 -40.32 42.56 -52.60
CA UNK E 49 -38.83 41.20 -49.39
CA UNK E 50 -35.32 40.19 -50.47
CA UNK E 51 -34.62 43.32 -52.73
CA UNK E 52 -35.82 45.86 -50.18
CA UNK E 53 -34.10 44.16 -47.22
CA UNK E 54 -30.78 43.88 -49.05
CA UNK E 55 -31.00 47.60 -49.81
CA UNK E 56 -32.05 48.35 -46.23
CA UNK E 57 -29.12 46.54 -44.59
CA UNK E 58 -26.46 47.97 -46.92
CA UNK E 59 -27.86 51.51 -46.62
CA UNK E 60 -27.59 51.16 -42.84
CA UNK E 61 -23.91 50.16 -43.11
CA UNK E 62 -23.30 53.31 -45.24
CA UNK E 63 -25.26 55.25 -42.64
CA UNK E 64 -23.28 53.81 -39.68
CA UNK E 65 -19.98 54.44 -41.46
CA UNK E 66 -21.01 58.08 -41.99
CA UNK E 67 -22.56 58.71 -38.56
CA UNK E 68 -21.56 56.12 -35.96
CA UNK E 69 -17.99 55.13 -37.01
CA UNK E 70 -16.12 58.01 -35.32
CA UNK E 71 -18.03 57.43 -32.06
CA UNK E 72 -17.37 53.67 -32.26
CA UNK E 73 -13.63 54.42 -32.35
CA UNK E 74 -13.14 53.80 -36.06
CA UNK E 75 -11.53 56.53 -38.15
CA UNK E 76 -12.40 56.73 -41.81
CA UNK E 77 -9.76 59.03 -43.22
CA UNK E 78 -11.34 60.41 -46.40
CA UNK E 79 -14.57 60.21 -48.38
CA UNK E 80 -17.25 57.61 -48.11
CA UNK E 81 -19.59 57.57 -51.04
CA UNK E 82 -21.91 54.88 -52.32
CA UNK E 83 -21.31 53.05 -55.55
CA UNK E 84 -24.90 52.71 -56.73
CA UNK E 85 -23.91 50.05 -59.29
CA UNK E 86 -22.36 47.64 -56.77
CA UNK E 87 -25.04 48.56 -54.22
CA UNK E 88 -27.48 47.22 -56.75
CA UNK E 89 -25.27 44.18 -57.59
CA UNK E 90 -25.15 43.11 -53.91
CA UNK E 91 -28.95 43.10 -53.90
CA UNK E 92 -29.24 41.46 -57.35
CA UNK E 93 -26.90 38.59 -56.48
CA UNK E 94 -28.90 37.88 -53.29
CA UNK E 95 -32.09 37.75 -55.38
CA UNK E 96 -30.25 35.59 -57.93
CA UNK E 97 -29.05 33.11 -55.30
CA UNK E 98 -32.38 32.79 -53.47
CA UNK E 99 -34.52 32.37 -56.64
CA UNK E 100 -31.94 29.92 -58.03
CA UNK E 101 -32.19 28.03 -54.73
CA UNK E 102 -36.01 27.67 -54.99
CA UNK E 103 -35.59 26.07 -58.43
CA UNK E 104 -33.04 23.68 -56.88
CA UNK E 105 -35.47 22.87 -54.07
CA UNK E 106 -38.18 22.08 -56.63
CA UNK E 107 -35.75 19.81 -58.42
CA UNK E 108 -34.98 17.91 -55.20
CA UNK E 109 -38.66 17.63 -54.29
CA UNK E 110 -39.62 16.68 -57.89
CA UNK E 111 -42.08 19.48 -58.45
CA UNK E 112 -42.60 20.16 -62.16
CA UNK E 113 -41.96 23.80 -62.96
CA UNK E 114 -44.14 25.01 -65.81
CA UNK E 115 -42.73 28.31 -66.99
CA UNK E 116 -45.77 29.91 -68.54
CA UNK E 117 -49.10 31.60 -67.81
CA UNK E 118 -51.56 29.50 -65.84
CA UNK E 119 -55.23 29.78 -66.66
CA UNK E 120 -58.46 27.84 -66.15
CA UNK E 121 -59.89 25.71 -68.92
CA UNK E 122 -62.26 23.66 -66.79
CA UNK E 123 -62.88 23.38 -63.07
CA UNK E 124 -60.43 20.50 -63.35
CA UNK E 125 -58.06 21.54 -66.20
CA UNK E 126 -55.38 24.23 -66.36
CA UNK E 127 -54.12 25.72 -69.61
CA UNK E 128 -50.40 26.48 -69.35
CA UNK E 129 -50.07 29.21 -71.98
CA UNK E 130 -46.52 30.16 -73.26
CA UNK E 131 -45.13 33.49 -72.19
CA UNK E 132 -42.28 35.28 -74.07
CA UNK E 133 -38.67 34.65 -73.02
CA UNK E 134 -36.84 31.64 -71.57
CA UNK E 135 -38.61 28.26 -71.49
CA UNK E 136 -42.16 29.02 -72.71
CA UNK E 137 -44.64 26.43 -71.34
CA UNK E 138 -42.68 23.10 -71.46
CA UNK E 139 -42.15 23.25 -75.23
CA UNK E 140 -45.58 24.86 -76.07
CA UNK E 141 -49.09 25.05 -74.83
CA UNK E 142 -50.05 22.63 -72.08
CA UNK E 143 -53.37 21.48 -70.57
CA UNK E 144 -53.25 19.78 -67.17
CA UNK E 145 -55.91 17.66 -65.52
CA UNK E 146 -55.79 17.93 -61.77
CA UNK E 147 -57.59 16.61 -58.74
CA UNK E 148 -56.71 19.62 -56.60
CA UNK E 149 -55.57 23.07 -57.67
CA UNK E 150 -54.25 25.85 -55.47
CA UNK E 151 -54.28 29.32 -57.01
CA UNK E 152 -51.49 31.23 -55.40
CA UNK E 153 -51.37 34.27 -57.69
CA UNK E 154 -50.13 37.36 -55.90
CA UNK E 155 -50.50 41.04 -55.84
CA UNK E 156 -49.65 44.05 -57.94
CA UNK E 157 -49.12 47.75 -57.18
CA UNK E 158 -52.29 49.81 -56.75
CA UNK E 159 -51.87 52.65 -59.33
CA UNK E 160 -52.82 56.20 -58.46
CA UNK E 161 -55.48 57.55 -60.89
CA UNK E 162 -53.95 60.02 -63.29
CA UNK E 163 -50.34 59.21 -62.37
CA UNK E 164 -48.44 57.40 -65.09
CA UNK E 165 -45.98 55.07 -63.43
CA UNK E 166 -43.10 55.10 -65.87
CA UNK E 167 -40.52 53.29 -63.74
CA UNK E 168 -37.71 55.67 -64.31
CA UNK E 169 -39.04 58.91 -62.81
CA UNK E 170 -42.48 57.99 -61.50
CA UNK E 171 -41.64 54.64 -59.99
CA UNK E 172 -43.52 52.16 -57.86
CA UNK E 173 -41.83 49.92 -55.23
CA UNK E 174 -40.23 47.90 -58.05
CA UNK E 175 -38.80 50.94 -59.86
CA UNK E 176 -37.48 52.35 -56.57
CA UNK E 177 -35.53 49.15 -55.91
CA UNK E 178 -33.58 49.55 -59.17
CA UNK E 179 -32.76 53.29 -59.30
CA UNK E 180 -29.23 53.47 -60.77
CA UNK E 181 -28.96 57.13 -59.77
CA UNK E 182 -29.90 58.39 -56.32
CA UNK E 183 -32.44 61.27 -56.44
CA UNK E 184 -31.76 64.66 -54.84
CA UNK E 185 -35.44 64.61 -53.79
CA UNK E 186 -37.56 61.48 -53.49
CA UNK E 187 -41.28 62.04 -52.82
CA UNK E 188 -43.37 59.04 -51.77
CA UNK E 189 -47.16 58.78 -51.83
CA UNK E 190 -48.05 56.33 -49.10
CA UNK E 191 -47.26 56.17 -45.40
CA UNK E 192 -47.31 52.36 -45.40
CA UNK E 193 -44.41 50.06 -44.52
CA UNK E 194 -43.23 49.83 -48.16
CA UNK E 195 -43.06 53.63 -48.48
CA UNK E 196 -41.36 54.07 -45.09
CA UNK E 197 -38.71 51.43 -45.87
CA UNK E 198 -38.05 52.93 -49.34
CA UNK E 199 -37.83 56.34 -47.68
CA UNK E 200 -35.27 55.01 -45.19
CA UNK E 201 -32.81 53.44 -47.68
CA UNK E 202 -32.70 56.54 -49.89
CA UNK E 203 -32.54 59.19 -47.13
CA UNK E 204 -29.56 57.31 -45.65
CA UNK E 205 -28.03 57.62 -49.10
CA UNK E 206 -28.72 61.35 -49.70
CA UNK E 207 -32.33 61.92 -50.91
CA UNK E 208 -34.47 64.64 -49.39
CA UNK E 209 -37.39 62.34 -48.79
CA UNK E 210 -40.95 63.51 -48.36
CA UNK E 211 -43.90 61.21 -47.50
CA UNK E 212 -47.33 62.38 -48.59
CA UNK E 213 -50.21 60.46 -46.93
CA UNK E 214 -53.98 61.05 -46.69
CA UNK E 215 -54.12 59.38 -43.27
CA UNK E 216 -52.92 61.34 -40.16
CA UNK E 217 -50.71 58.54 -38.76
CA UNK E 218 -48.32 56.37 -40.76
CA UNK E 219 -47.90 52.55 -40.60
CA UNK E 220 -51.68 52.05 -41.08
CA UNK E 221 -52.08 48.76 -39.14
CA UNK E 222 -49.65 49.93 -36.46
CA UNK E 223 -50.40 50.57 -32.79
CA UNK E 224 -51.20 54.27 -32.20
CA UNK E 225 -48.38 54.83 -29.71
CA UNK E 226 -45.88 52.92 -31.88
CA UNK E 227 -46.88 54.71 -35.11
CA UNK E 228 -46.58 58.21 -33.63
CA UNK E 229 -43.12 57.23 -32.33
CA UNK E 230 -42.27 55.82 -35.76
CA UNK E 231 -42.91 59.26 -37.28
CA UNK E 232 -40.56 60.78 -34.73
CA UNK E 233 -37.48 58.57 -35.24
CA UNK E 234 -37.80 58.78 -39.04
CA UNK E 235 -38.17 62.57 -38.87
CA UNK E 236 -34.91 62.57 -36.90
CA UNK E 237 -33.44 60.41 -39.69
CA UNK E 238 -34.39 63.06 -42.27
CA UNK E 239 -37.83 62.05 -43.58
CA UNK E 240 -40.38 64.78 -44.03
CA UNK E 241 -44.04 63.94 -43.53
CA UNK E 242 -46.92 65.69 -45.21
CA UNK E 243 -49.87 64.03 -43.49
CA UNK E 244 -53.64 64.38 -44.05
CA UNK E 245 -52.69 65.29 -47.57
CA UNK E 246 -54.20 63.97 -50.77
CA UNK E 247 -52.21 64.13 -54.02
CA UNK E 248 -53.93 65.67 -57.01
CA UNK E 249 -51.43 65.78 -59.90
CA UNK E 250 -48.06 64.36 -60.79
CA UNK E 251 -46.44 64.93 -64.11
CA UNK E 252 -42.90 64.54 -65.44
CA UNK E 253 -41.68 67.97 -66.39
CA UNK E 254 -38.97 66.58 -68.68
CA UNK E 255 -37.75 70.11 -69.53
CA UNK E 256 -36.58 70.49 -65.93
CA UNK E 257 -36.29 66.67 -65.27
CA UNK E 258 -38.51 67.26 -62.23
CA UNK E 259 -41.72 65.33 -61.47
CA UNK E 260 -44.03 68.24 -60.81
CA UNK E 261 -46.39 67.14 -58.03
CA UNK E 262 -49.47 69.01 -56.72
CA UNK E 263 -51.04 68.05 -53.37
CA UNK E 264 -53.81 69.40 -51.09
CA UNK E 265 -54.10 69.51 -47.31
CA UNK E 266 -57.36 68.03 -45.95
CA UNK E 267 -57.67 70.42 -43.02
CA UNK E 268 -56.99 73.59 -45.02
CA UNK E 269 -58.14 73.02 -48.65
CA UNK E 270 -55.22 74.90 -50.22
CA UNK E 271 -52.82 73.35 -52.70
CA UNK E 272 -49.03 73.30 -52.97
CA UNK E 273 -46.91 72.42 -55.98
CA UNK E 274 -44.03 70.13 -55.09
CA UNK E 275 -40.94 69.21 -57.07
CA UNK E 276 -39.13 65.87 -56.87
CA UNK E 277 -36.62 64.12 -59.14
CA UNK E 278 -38.26 60.74 -58.56
CA UNK E 279 -41.79 60.10 -57.29
CA UNK E 280 -42.85 56.76 -55.75
CA UNK E 281 -46.46 55.60 -55.66
CA UNK E 282 -46.71 53.33 -52.68
CA UNK E 283 -50.43 53.87 -52.03
CA UNK E 284 -50.96 50.13 -51.67
CA UNK E 285 -51.10 46.76 -53.36
CA UNK E 286 -54.09 44.96 -54.80
CA UNK E 287 -54.78 41.30 -55.90
CA UNK E 288 -53.91 39.82 -59.21
CA UNK E 289 -56.50 37.58 -60.81
CA UNK E 290 -55.75 38.58 -64.44
CA UNK E 291 -54.63 35.87 -66.83
CA UNK E 292 -55.92 33.18 -64.44
CA UNK E 293 -59.48 33.17 -65.79
CA UNK E 294 -61.62 33.41 -62.67
CA UNK E 295 -64.46 34.55 -64.98
CA UNK E 296 -64.57 31.25 -66.96
CA UNK E 297 -65.37 28.96 -64.02
CA UNK E 298 -67.05 31.73 -61.98
CA UNK E 299 -64.54 31.90 -59.12
CA UNK E 300 -65.81 34.74 -56.88
CA UNK E 301 -63.80 37.95 -56.71
CA UNK E 302 -64.97 40.74 -54.35
CA UNK E 303 -65.26 44.58 -54.41
CA UNK E 304 -61.55 44.79 -53.51
CA UNK E 305 -60.38 42.32 -56.25
CA UNK E 306 -59.70 39.34 -54.00
CA UNK E 307 -60.76 35.77 -54.62
CA UNK E 308 -63.03 34.84 -51.71
CA UNK E 309 -62.65 31.69 -49.60
CA UNK E 310 -63.90 29.90 -46.50
CA UNK E 311 -61.75 28.94 -43.44
CA UNK E 312 -60.80 25.73 -45.27
CA UNK E 313 -59.08 27.91 -47.94
CA UNK E 314 -61.32 26.85 -50.86
CA UNK E 315 -63.63 28.86 -53.09
CA UNK E 316 -67.02 27.54 -54.39
CA UNK E 317 -65.20 24.45 -55.68
CA UNK E 318 -63.89 22.19 -52.81
CA UNK E 319 -60.74 21.36 -54.79
CA UNK E 320 -59.82 24.91 -55.87
CA UNK E 321 -58.07 26.54 -52.94
CA UNK E 322 -57.06 30.19 -52.95
CA UNK E 323 -54.03 31.30 -50.92
CA UNK E 324 -51.64 34.25 -50.70
CA UNK E 325 -51.96 37.91 -51.53
CA UNK E 326 -54.86 37.41 -53.91
CA UNK E 327 -57.03 36.13 -51.01
CA UNK E 328 -57.91 37.38 -47.49
CA UNK E 329 -55.45 38.37 -44.80
CA UNK E 330 -52.48 40.75 -44.33
CA UNK E 331 -50.35 40.87 -47.49
CA UNK E 332 -47.27 39.31 -45.97
CA UNK E 333 -44.95 36.64 -47.31
CA UNK E 334 -44.92 34.49 -44.15
CA UNK E 335 -48.74 34.68 -43.89
CA UNK E 336 -48.76 33.35 -47.44
CA UNK E 337 -46.19 30.62 -46.54
CA UNK E 338 -48.38 29.47 -43.64
CA UNK E 339 -51.40 29.30 -45.98
CA UNK E 340 -49.46 27.32 -48.64
CA UNK E 341 -48.60 24.71 -46.01
CA UNK E 342 -52.07 24.63 -44.35
CA UNK E 343 -53.89 24.28 -47.67
CA UNK E 344 -51.68 21.32 -48.64
CA UNK E 345 -52.04 19.71 -45.18
CA UNK E 346 -55.82 19.92 -45.75
CA UNK E 347 -55.53 17.81 -48.90
CA UNK E 348 -53.60 15.01 -47.19
CA UNK E 349 -55.03 15.13 -43.65
CA UNK E 350 -58.11 17.39 -43.76
CA UNK E 351 -56.44 19.60 -41.15
CA UNK E 352 -54.43 22.83 -41.11
CA UNK E 353 -54.48 26.17 -39.30
CA UNK E 354 -53.06 29.58 -39.90
CA UNK E 355 -53.41 31.58 -36.69
CA UNK E 356 -54.37 34.93 -38.20
CA UNK E 357 -54.24 36.44 -34.69
CA UNK E 358 -50.50 35.58 -34.49
CA UNK E 359 -49.24 37.06 -37.75
CA UNK E 360 -46.25 39.41 -37.29
CA UNK E 361 -46.01 42.66 -39.23
CA UNK E 362 -42.44 43.94 -39.44
CA UNK E 363 -41.02 47.11 -40.92
CA UNK E 364 -37.29 46.67 -41.38
CA UNK E 365 -36.27 50.28 -40.88
CA UNK E 366 -33.66 51.11 -38.22
CA UNK E 367 -34.93 50.88 -35.52
CA UNK E 368 -37.04 47.99 -36.77
CA UNK E 369 -40.75 48.14 -35.93
CA UNK E 370 -42.55 44.83 -35.27
CA UNK E 371 -45.85 43.65 -33.81
CA UNK E 372 -47.99 40.65 -32.95
CA UNK E 373 -51.44 40.54 -31.34
CA UNK E 374 -53.86 43.33 -30.59
CA UNK E 375 -53.03 47.00 -30.43
CA UNK E 376 -54.28 49.39 -27.73
CA UNK E 377 -56.96 50.77 -30.03
CA UNK E 378 -58.25 47.25 -30.71
CA UNK E 379 -58.47 46.34 -27.01
CA UNK E 380 -60.33 49.58 -26.18
CA UNK E 381 -62.49 48.93 -29.26
CA UNK E 382 -63.31 45.46 -27.92
CA UNK E 383 -63.70 46.72 -24.33
CA UNK E 384 -60.85 44.51 -23.04
CA UNK E 385 -59.32 45.73 -19.79
CA UNK E 386 -55.56 45.63 -20.21
CA UNK E 387 -52.27 46.40 -18.49
CA UNK E 388 -49.43 48.06 -20.43
CA UNK E 389 -45.83 47.21 -19.62
CA UNK E 390 -43.19 48.87 -21.76
CA UNK E 391 -39.43 48.90 -21.31
CA UNK E 392 -37.10 51.40 -23.11
CA UNK E 393 -34.02 50.13 -24.93
CA UNK E 394 -32.14 52.97 -23.21
CA UNK E 395 -32.44 50.82 -20.08
CA UNK E 396 -31.33 47.62 -21.85
CA UNK E 397 -27.75 46.53 -21.23
CA UNK E 398 -26.81 45.37 -24.75
CA UNK E 399 -28.59 48.31 -26.41
CA UNK E 400 -26.41 50.81 -24.52
CA UNK E 401 -23.28 48.70 -24.92
CA UNK E 402 -24.00 48.62 -28.67
CA UNK E 403 -24.94 52.35 -28.78
CA UNK E 404 -28.24 51.55 -30.39
CA UNK E 405 -30.88 52.55 -27.88
CA UNK E 406 -33.84 53.80 -29.93
CA UNK E 407 -37.15 52.19 -29.10
CA UNK E 408 -39.13 50.32 -26.50
CA UNK E 409 -40.76 46.89 -25.99
CA UNK E 410 -44.47 47.20 -25.16
CA UNK E 411 -46.46 44.35 -23.63
CA UNK E 412 -50.23 44.58 -23.54
CA UNK E 413 -51.70 41.92 -21.24
CA UNK E 414 -55.20 41.07 -20.00
CA UNK E 415 -55.70 42.53 -16.51
CA UNK E 416 -57.41 39.41 -15.07
CA UNK E 417 -55.75 36.46 -16.82
CA UNK E 418 -52.41 38.32 -17.19
CA UNK E 419 -51.84 36.70 -20.56
CA UNK E 420 -50.03 38.44 -23.40
CA UNK E 421 -52.51 39.96 -25.86
CA UNK E 422 -50.09 42.11 -27.89
CA UNK E 423 -46.39 42.93 -28.25
CA UNK E 424 -45.23 46.09 -30.00
CA UNK E 425 -41.51 46.57 -30.34
CA UNK E 426 -39.71 49.53 -31.84
CA UNK E 427 -36.01 48.62 -31.59
CA UNK E 428 -32.96 46.92 -33.20
CA UNK E 429 -33.63 43.20 -33.88
CA UNK E 430 -37.40 43.85 -33.40
CA UNK E 431 -38.28 41.50 -36.31
CA UNK E 432 -36.25 38.82 -34.53
CA UNK E 433 -37.62 39.64 -31.08
CA UNK E 434 -41.27 39.46 -32.13
CA UNK E 435 -40.62 35.75 -32.81
CA UNK E 436 -40.27 35.31 -29.05
CA UNK E 437 -43.51 37.26 -28.62
CA UNK E 438 -45.13 35.00 -31.21
CA UNK E 439 -44.19 31.73 -29.50
CA UNK E 440 -45.43 33.12 -26.17
CA UNK E 441 -48.80 34.05 -27.73
CA UNK E 442 -49.19 30.60 -29.30
CA UNK E 443 -48.86 29.00 -25.87
CA UNK E 444 -51.21 31.59 -24.32
CA UNK E 445 -48.48 32.57 -21.90
CA UNK E 446 -48.67 35.24 -19.26
CA UNK E 447 -46.30 38.16 -18.79
CA UNK E 448 -45.10 36.24 -15.75
CA UNK E 449 -44.15 33.05 -17.68
CA UNK E 450 -41.70 34.74 -20.04
CA UNK E 451 -40.52 36.88 -17.11
CA UNK E 452 -39.58 33.59 -15.44
CA UNK E 453 -37.62 32.51 -18.55
CA UNK E 454 -33.91 32.99 -18.01
CA UNK E 455 -32.78 35.40 -20.70
CA UNK E 456 -29.03 35.71 -21.35
CA UNK E 457 -26.96 38.77 -20.42
CA UNK E 458 -26.19 41.02 -22.19
CA UNK E 459 -28.89 40.64 -24.83
CA UNK E 460 -31.72 42.75 -26.27
CA UNK E 461 -34.14 39.93 -25.31
CA UNK E 462 -33.86 41.10 -21.68
CA UNK E 463 -35.90 44.13 -22.73
CA UNK E 464 -38.68 41.71 -23.62
CA UNK E 465 -38.35 39.81 -20.31
CA UNK E 466 -38.52 43.03 -18.35
CA UNK E 467 -41.25 44.70 -20.42
CA UNK E 468 -43.27 41.65 -19.37
CA UNK E 469 -42.03 42.07 -15.77
CA UNK E 470 -43.29 45.67 -15.88
CA UNK E 471 -46.68 44.55 -17.21
CA UNK E 472 -47.80 42.33 -14.30
CA UNK E 473 -45.42 43.49 -11.52
CA UNK E 474 -42.15 45.58 -11.73
CA UNK E 475 -39.06 45.43 -13.90
CA UNK E 476 -35.56 45.39 -12.43
CA UNK E 477 -33.82 47.97 -14.63
CA UNK E 478 -36.92 50.16 -14.94
#